data_4MDT
#
_entry.id   4MDT
#
_cell.length_a   168.973
_cell.length_b   103.520
_cell.length_c   103.968
_cell.angle_alpha   90.000
_cell.angle_beta   103.960
_cell.angle_gamma   90.000
#
_symmetry.space_group_name_H-M   'C 1 2 1'
#
loop_
_entity.id
_entity.type
_entity.pdbx_description
1 polymer 'UDP-3-O-[3-hydroxymyristoyl] N-acetylglucosamine deacetylase'
2 non-polymer 'ZINC ION'
3 non-polymer "uridine-5'-diphosphate-3-O-(R-3-hydroxymyristoyl)-glucosamine"
4 non-polymer 'PHOSPHATE ION'
5 water water
#
_entity_poly.entity_id   1
_entity_poly.type   'polypeptide(L)'
_entity_poly.pdbx_seq_one_letter_code
;MIKQRTLKRIVQATGVGLHTGKKVTLTLRPAPANTGVIYRRTDLNPPVDFPADAKSVRDTMLCTCLVNEHDVRISTVEHL
NAALAGLGIDNIVIEVNAPEIPIMDGSAAPFVYLLLDAGIDELNSAKKFVRIKETVRVEDGDKWAEFKPYNGFSLDFTID
FNHPAIDSSNQRYAMNFSADAFMRQISRARTFGFMRDIEYLQSRGLCLGGSFDCAIVVDDYRVLNEDGLRFEDEFVRHKM
LDAIGDLFMCGHNIIGAFTAYKSGHALNNKLLQAVLAKQEAWEYVTFQDDAELPLAFKAPSAVLA
;
_entity_poly.pdbx_strand_id   A,B,C,D
#
# COMPACT_ATOMS: atom_id res chain seq x y z
N MET A 1 -4.82 -21.61 -16.99
CA MET A 1 -3.52 -22.06 -16.52
C MET A 1 -3.32 -21.82 -15.03
N ILE A 2 -2.86 -22.88 -14.32
CA ILE A 2 -2.55 -22.85 -12.88
C ILE A 2 -1.19 -22.12 -12.80
N LYS A 3 -1.23 -20.92 -12.26
CA LYS A 3 -0.08 -20.03 -12.20
C LYS A 3 0.86 -20.24 -11.02
N GLN A 4 2.11 -19.86 -11.25
CA GLN A 4 3.18 -19.89 -10.28
C GLN A 4 2.87 -18.81 -9.28
N ARG A 5 3.36 -18.95 -8.06
CA ARG A 5 3.10 -17.99 -6.99
C ARG A 5 4.38 -17.43 -6.38
N THR A 6 4.34 -16.15 -6.03
CA THR A 6 5.41 -15.42 -5.35
C THR A 6 4.78 -14.56 -4.28
N LEU A 7 5.59 -13.70 -3.60
CA LEU A 7 5.09 -12.80 -2.56
C LEU A 7 4.76 -11.43 -3.15
N LYS A 8 3.81 -10.71 -2.58
CA LYS A 8 3.49 -9.38 -3.12
C LYS A 8 4.48 -8.35 -2.57
N ARG A 9 4.98 -8.55 -1.33
CA ARG A 9 5.94 -7.62 -0.72
C ARG A 9 7.02 -8.31 0.13
N ILE A 10 8.17 -7.64 0.31
CA ILE A 10 9.29 -8.12 1.11
C ILE A 10 8.92 -8.15 2.60
N VAL A 11 9.12 -9.29 3.27
CA VAL A 11 8.85 -9.40 4.71
C VAL A 11 10.10 -9.79 5.52
N GLN A 12 10.08 -9.52 6.81
CA GLN A 12 11.19 -9.86 7.70
C GLN A 12 10.71 -10.46 9.01
N ALA A 13 11.54 -11.33 9.55
CA ALA A 13 11.36 -11.97 10.85
C ALA A 13 12.77 -12.19 11.41
N THR A 14 12.99 -11.68 12.61
CA THR A 14 14.24 -11.77 13.36
C THR A 14 13.95 -12.69 14.53
N GLY A 15 14.91 -13.55 14.81
CA GLY A 15 14.86 -14.51 15.91
C GLY A 15 16.23 -15.08 16.13
N VAL A 16 16.28 -16.20 16.84
CA VAL A 16 17.52 -16.90 17.14
C VAL A 16 17.55 -18.25 16.45
N GLY A 17 18.74 -18.63 16.01
CA GLY A 17 18.99 -19.93 15.40
C GLY A 17 18.99 -20.95 16.52
N LEU A 18 18.30 -22.06 16.33
CA LEU A 18 18.19 -23.07 17.38
C LEU A 18 19.54 -23.56 17.88
N HIS A 19 20.46 -23.90 16.98
CA HIS A 19 21.78 -24.42 17.33
C HIS A 19 22.93 -23.40 17.65
N THR A 20 22.96 -22.23 16.96
CA THR A 20 23.99 -21.21 17.19
C THR A 20 23.62 -20.24 18.30
N GLY A 21 22.32 -20.15 18.58
CA GLY A 21 21.83 -19.23 19.61
C GLY A 21 22.08 -17.75 19.32
N LYS A 22 22.59 -17.44 18.11
CA LYS A 22 22.89 -16.09 17.62
C LYS A 22 21.76 -15.60 16.73
N LYS A 23 21.46 -14.28 16.84
CA LYS A 23 20.44 -13.53 16.13
C LYS A 23 20.51 -13.75 14.62
N VAL A 24 19.35 -14.09 14.03
CA VAL A 24 19.22 -14.34 12.59
C VAL A 24 18.14 -13.46 12.08
N THR A 25 18.37 -12.80 10.93
CA THR A 25 17.31 -12.04 10.27
C THR A 25 16.90 -12.77 8.98
N LEU A 26 15.64 -13.22 8.92
CA LEU A 26 15.10 -13.91 7.74
C LEU A 26 14.37 -12.89 6.90
N THR A 27 14.81 -12.72 5.65
CA THR A 27 14.19 -11.79 4.69
C THR A 27 13.64 -12.60 3.52
N LEU A 28 12.32 -12.55 3.33
CA LEU A 28 11.61 -13.26 2.28
C LEU A 28 11.30 -12.29 1.14
N ARG A 29 11.90 -12.49 -0.03
CA ARG A 29 11.69 -11.58 -1.15
C ARG A 29 10.88 -12.15 -2.34
N PRO A 30 10.04 -11.31 -3.02
CA PRO A 30 9.34 -11.76 -4.23
C PRO A 30 10.38 -12.04 -5.28
N ALA A 31 10.11 -13.03 -6.11
CA ALA A 31 11.02 -13.36 -7.20
C ALA A 31 10.16 -13.56 -8.47
N PRO A 32 10.69 -13.30 -9.66
CA PRO A 32 9.87 -13.50 -10.87
C PRO A 32 9.70 -15.00 -11.18
N ALA A 33 8.91 -15.28 -12.25
CA ALA A 33 8.58 -16.59 -12.79
C ALA A 33 9.82 -17.36 -13.20
N ASN A 34 9.85 -18.64 -12.84
CA ASN A 34 10.92 -19.58 -13.16
C ASN A 34 12.22 -19.37 -12.47
N THR A 35 12.23 -18.67 -11.35
CA THR A 35 13.49 -18.49 -10.66
C THR A 35 13.70 -19.64 -9.73
N GLY A 36 12.61 -20.07 -9.10
CA GLY A 36 12.65 -21.19 -8.17
C GLY A 36 12.85 -20.72 -6.74
N VAL A 37 12.99 -21.66 -5.81
CA VAL A 37 13.20 -21.33 -4.41
C VAL A 37 14.70 -21.16 -4.17
N ILE A 38 15.13 -19.93 -3.77
CA ILE A 38 16.54 -19.63 -3.53
C ILE A 38 16.82 -19.27 -2.07
N TYR A 39 17.82 -19.92 -1.46
CA TYR A 39 18.26 -19.63 -0.10
C TYR A 39 19.54 -18.82 -0.25
N ARG A 40 19.61 -17.66 0.37
CA ARG A 40 20.76 -16.77 0.27
C ARG A 40 21.39 -16.42 1.58
N ARG A 41 22.73 -16.44 1.60
CA ARG A 41 23.46 -16.03 2.80
C ARG A 41 23.96 -14.64 2.55
N THR A 42 23.29 -13.67 3.13
CA THR A 42 23.65 -12.29 2.89
C THR A 42 24.87 -11.80 3.67
N ASP A 43 25.19 -12.48 4.80
CA ASP A 43 26.31 -12.16 5.70
C ASP A 43 27.68 -12.37 5.05
N LEU A 44 27.69 -12.91 3.84
CA LEU A 44 28.90 -13.18 3.11
C LEU A 44 29.09 -12.23 1.95
N ASN A 45 30.36 -12.01 1.59
CA ASN A 45 30.74 -11.12 0.51
C ASN A 45 31.67 -11.85 -0.41
N PRO A 46 31.17 -12.23 -1.60
CA PRO A 46 29.80 -11.98 -2.11
C PRO A 46 28.77 -12.89 -1.45
N PRO A 47 27.44 -12.57 -1.49
CA PRO A 47 26.45 -13.46 -0.87
C PRO A 47 26.42 -14.85 -1.52
N VAL A 48 26.02 -15.89 -0.76
CA VAL A 48 26.01 -17.26 -1.30
C VAL A 48 24.59 -17.77 -1.46
N ASP A 49 24.25 -18.17 -2.70
CA ASP A 49 22.95 -18.71 -3.08
C ASP A 49 22.92 -20.23 -3.13
N PHE A 50 21.76 -20.81 -2.70
CA PHE A 50 21.48 -22.25 -2.68
C PHE A 50 20.13 -22.54 -3.37
N PRO A 51 20.11 -23.05 -4.61
CA PRO A 51 18.84 -23.40 -5.21
C PRO A 51 18.25 -24.57 -4.45
N ALA A 52 16.92 -24.64 -4.35
CA ALA A 52 16.27 -25.76 -3.69
C ALA A 52 16.61 -26.97 -4.56
N ASP A 53 17.42 -27.86 -4.00
CA ASP A 53 17.87 -29.10 -4.64
C ASP A 53 18.04 -30.12 -3.53
N ALA A 54 17.44 -31.32 -3.74
CA ALA A 54 17.51 -32.46 -2.80
C ALA A 54 18.95 -32.85 -2.47
N LYS A 55 19.84 -32.74 -3.47
CA LYS A 55 21.23 -33.08 -3.31
C LYS A 55 22.06 -32.14 -2.38
N SER A 56 21.56 -30.91 -2.10
CA SER A 56 22.21 -29.92 -1.22
C SER A 56 22.10 -30.31 0.25
N VAL A 57 21.14 -31.19 0.60
CA VAL A 57 20.94 -31.67 1.95
C VAL A 57 22.10 -32.61 2.21
N ARG A 58 23.12 -32.14 2.93
CA ARG A 58 24.29 -32.97 3.19
C ARG A 58 24.45 -33.42 4.63
N ASP A 59 23.87 -32.71 5.59
CA ASP A 59 23.96 -33.03 7.02
C ASP A 59 22.53 -33.11 7.56
N THR A 60 22.12 -34.29 8.07
CA THR A 60 20.77 -34.52 8.59
C THR A 60 20.76 -34.98 10.02
N MET A 61 21.85 -34.65 10.71
CA MET A 61 22.14 -34.93 12.10
C MET A 61 21.12 -34.32 13.05
N LEU A 62 20.92 -33.00 13.00
CA LEU A 62 20.00 -32.31 13.90
C LEU A 62 18.76 -31.74 13.26
N CYS A 63 18.88 -31.42 11.98
CA CYS A 63 17.86 -30.80 11.16
C CYS A 63 18.28 -31.06 9.74
N THR A 64 17.56 -30.45 8.76
CA THR A 64 17.85 -30.54 7.33
C THR A 64 18.75 -29.35 7.10
N CYS A 65 20.00 -29.66 6.83
CA CYS A 65 21.03 -28.67 6.65
C CYS A 65 21.52 -28.71 5.21
N LEU A 66 21.49 -27.56 4.56
CA LEU A 66 21.99 -27.41 3.20
C LEU A 66 23.46 -26.99 3.29
N VAL A 67 24.35 -27.69 2.54
CA VAL A 67 25.78 -27.39 2.48
C VAL A 67 26.28 -27.45 1.06
N ASN A 68 26.98 -26.39 0.59
CA ASN A 68 27.56 -26.28 -0.76
C ASN A 68 28.98 -26.89 -0.85
N GLU A 69 29.71 -26.67 -1.96
CA GLU A 69 31.06 -27.24 -2.12
C GLU A 69 32.15 -26.64 -1.25
N HIS A 70 31.90 -25.46 -0.66
CA HIS A 70 32.91 -24.80 0.19
C HIS A 70 32.57 -24.78 1.69
N ASP A 71 31.63 -25.67 2.09
CA ASP A 71 31.13 -25.81 3.44
C ASP A 71 30.30 -24.60 3.94
N VAL A 72 29.73 -23.85 3.00
CA VAL A 72 28.84 -22.77 3.39
C VAL A 72 27.50 -23.52 3.70
N ARG A 73 26.86 -23.19 4.83
CA ARG A 73 25.66 -23.84 5.33
C ARG A 73 24.45 -22.96 5.55
N ILE A 74 23.26 -23.59 5.44
CA ILE A 74 21.95 -23.06 5.79
C ILE A 74 21.23 -24.23 6.47
N SER A 75 20.97 -24.10 7.76
CA SER A 75 20.29 -25.18 8.44
C SER A 75 18.93 -24.77 8.97
N THR A 76 18.15 -25.78 9.43
CA THR A 76 16.78 -25.67 9.98
C THR A 76 15.83 -25.06 8.92
N VAL A 77 15.95 -25.52 7.68
CA VAL A 77 15.14 -25.07 6.54
C VAL A 77 13.73 -25.69 6.50
N GLU A 78 13.50 -26.86 7.14
CA GLU A 78 12.26 -27.62 7.13
C GLU A 78 10.96 -26.95 7.59
N HIS A 79 11.02 -26.09 8.61
CA HIS A 79 9.80 -25.46 9.12
C HIS A 79 9.32 -24.41 8.17
N LEU A 80 10.24 -23.61 7.65
CA LEU A 80 9.96 -22.59 6.65
C LEU A 80 9.50 -23.26 5.34
N ASN A 81 10.15 -24.35 4.93
CA ASN A 81 9.82 -25.11 3.73
C ASN A 81 8.38 -25.66 3.78
N ALA A 82 7.90 -26.06 4.98
CA ALA A 82 6.54 -26.57 5.19
C ALA A 82 5.52 -25.50 4.85
N ALA A 83 5.81 -24.24 5.28
CA ALA A 83 4.99 -23.05 5.05
C ALA A 83 4.92 -22.78 3.56
N LEU A 84 6.10 -22.83 2.88
CA LEU A 84 6.21 -22.61 1.45
C LEU A 84 5.43 -23.64 0.66
N ALA A 85 5.59 -24.94 1.00
CA ALA A 85 4.88 -26.08 0.39
C ALA A 85 3.37 -25.93 0.61
N GLY A 86 2.98 -25.68 1.85
CA GLY A 86 1.59 -25.50 2.26
C GLY A 86 0.85 -24.44 1.47
N LEU A 87 1.52 -23.33 1.16
CA LEU A 87 0.96 -22.21 0.42
C LEU A 87 1.33 -22.20 -1.06
N GLY A 88 2.09 -23.19 -1.50
CA GLY A 88 2.49 -23.35 -2.89
C GLY A 88 3.35 -22.27 -3.48
N ILE A 89 4.32 -21.73 -2.68
CA ILE A 89 5.21 -20.68 -3.17
C ILE A 89 6.30 -21.34 -4.01
N ASP A 90 6.41 -20.95 -5.27
CA ASP A 90 7.35 -21.48 -6.26
C ASP A 90 8.58 -20.61 -6.40
N ASN A 91 8.38 -19.29 -6.41
CA ASN A 91 9.46 -18.34 -6.60
C ASN A 91 9.62 -17.46 -5.42
N ILE A 92 10.77 -17.54 -4.79
CA ILE A 92 11.12 -16.77 -3.60
C ILE A 92 12.63 -16.83 -3.33
N VAL A 93 13.13 -15.73 -2.81
CA VAL A 93 14.52 -15.53 -2.39
C VAL A 93 14.41 -15.47 -0.87
N ILE A 94 14.92 -16.51 -0.21
CA ILE A 94 14.95 -16.69 1.25
C ILE A 94 16.35 -16.24 1.71
N GLU A 95 16.44 -15.04 2.30
CA GLU A 95 17.73 -14.49 2.71
C GLU A 95 17.94 -14.58 4.19
N VAL A 96 19.14 -15.03 4.59
CA VAL A 96 19.57 -15.11 5.99
C VAL A 96 20.96 -14.54 6.16
N ASN A 97 21.21 -13.92 7.30
CA ASN A 97 22.51 -13.33 7.62
C ASN A 97 23.24 -14.19 8.69
N ALA A 98 22.72 -15.42 8.95
CA ALA A 98 23.26 -16.39 9.88
C ALA A 98 23.21 -17.78 9.23
N PRO A 99 24.05 -18.74 9.65
CA PRO A 99 24.02 -20.06 9.02
C PRO A 99 22.72 -20.86 9.18
N GLU A 100 21.64 -20.23 9.74
CA GLU A 100 20.37 -20.92 9.94
C GLU A 100 19.07 -20.09 9.95
N ILE A 101 17.93 -20.73 9.63
CA ILE A 101 16.64 -20.04 9.67
C ILE A 101 16.28 -19.85 11.17
N PRO A 102 15.72 -18.68 11.62
CA PRO A 102 15.34 -18.54 13.04
C PRO A 102 14.31 -19.60 13.44
N ILE A 103 14.43 -20.13 14.66
CA ILE A 103 13.51 -21.13 15.17
C ILE A 103 12.07 -20.64 15.41
N MET A 104 11.91 -19.33 15.65
CA MET A 104 10.61 -18.75 15.94
C MET A 104 9.97 -19.59 17.08
N ASP A 105 8.70 -20.01 16.98
CA ASP A 105 8.09 -20.83 18.04
C ASP A 105 8.31 -22.35 17.90
N GLY A 106 9.15 -22.77 16.95
CA GLY A 106 9.42 -24.19 16.75
C GLY A 106 8.49 -24.91 15.79
N SER A 107 7.53 -24.18 15.19
CA SER A 107 6.56 -24.70 14.23
C SER A 107 6.64 -23.90 12.92
N ALA A 108 5.77 -24.22 11.96
CA ALA A 108 5.71 -23.59 10.64
C ALA A 108 4.72 -22.38 10.65
N ALA A 109 3.82 -22.30 11.65
CA ALA A 109 2.81 -21.25 11.82
C ALA A 109 3.38 -19.81 11.70
N PRO A 110 4.49 -19.39 12.42
CA PRO A 110 5.04 -18.04 12.20
C PRO A 110 5.39 -17.75 10.75
N PHE A 111 5.89 -18.75 10.00
CA PHE A 111 6.26 -18.57 8.60
C PHE A 111 5.03 -18.44 7.69
N VAL A 112 3.91 -19.08 8.07
CA VAL A 112 2.63 -19.00 7.33
C VAL A 112 2.09 -17.57 7.46
N TYR A 113 2.08 -17.01 8.71
CA TYR A 113 1.62 -15.62 9.00
C TYR A 113 2.43 -14.63 8.21
N LEU A 114 3.73 -14.87 8.13
CA LEU A 114 4.70 -14.08 7.41
C LEU A 114 4.39 -14.08 5.91
N LEU A 115 4.07 -15.26 5.32
CA LEU A 115 3.73 -15.37 3.89
C LEU A 115 2.40 -14.67 3.62
N LEU A 116 1.44 -14.81 4.55
CA LEU A 116 0.13 -14.15 4.43
C LEU A 116 0.28 -12.61 4.53
N ASP A 117 1.01 -12.09 5.56
CA ASP A 117 1.29 -10.66 5.74
C ASP A 117 1.86 -10.05 4.43
N ALA A 118 2.70 -10.84 3.70
CA ALA A 118 3.36 -10.43 2.46
C ALA A 118 2.40 -10.49 1.28
N GLY A 119 1.43 -11.39 1.34
CA GLY A 119 0.47 -11.61 0.29
C GLY A 119 1.03 -12.47 -0.83
N ILE A 120 0.24 -13.48 -1.28
CA ILE A 120 0.58 -14.39 -2.37
C ILE A 120 0.25 -13.68 -3.69
N ASP A 121 1.16 -13.74 -4.65
CA ASP A 121 1.01 -13.15 -5.97
C ASP A 121 1.13 -14.22 -7.04
N GLU A 122 0.26 -14.19 -8.05
CA GLU A 122 0.29 -15.13 -9.17
C GLU A 122 1.07 -14.50 -10.34
N LEU A 123 1.91 -15.31 -11.01
CA LEU A 123 2.75 -14.88 -12.14
C LEU A 123 2.22 -15.47 -13.45
N ASN A 124 2.53 -14.84 -14.61
CA ASN A 124 2.03 -15.36 -15.88
C ASN A 124 2.80 -16.55 -16.45
N SER A 125 3.00 -17.59 -15.60
CA SER A 125 3.70 -18.84 -15.95
C SER A 125 3.08 -20.01 -15.23
N ALA A 126 3.05 -21.16 -15.89
CA ALA A 126 2.48 -22.41 -15.35
C ALA A 126 3.35 -22.96 -14.25
N LYS A 127 2.69 -23.42 -13.19
CA LYS A 127 3.24 -24.02 -12.01
C LYS A 127 3.58 -25.46 -12.29
N LYS A 128 4.86 -25.84 -12.09
CA LYS A 128 5.37 -27.20 -12.29
C LYS A 128 5.18 -28.00 -11.00
N PHE A 129 4.74 -29.28 -11.13
CA PHE A 129 4.53 -30.22 -10.02
C PHE A 129 5.28 -31.50 -10.33
N VAL A 130 5.77 -32.19 -9.30
CA VAL A 130 6.48 -33.45 -9.49
C VAL A 130 5.43 -34.52 -9.32
N ARG A 131 5.03 -35.19 -10.41
CA ARG A 131 4.05 -36.28 -10.29
C ARG A 131 4.79 -37.64 -10.19
N ILE A 132 4.52 -38.39 -9.11
CA ILE A 132 5.03 -39.73 -8.81
C ILE A 132 4.30 -40.70 -9.73
N LYS A 133 5.05 -41.44 -10.56
CA LYS A 133 4.44 -42.40 -11.49
C LYS A 133 4.72 -43.87 -11.22
N GLU A 134 5.45 -44.18 -10.13
CA GLU A 134 5.84 -45.52 -9.66
C GLU A 134 6.06 -45.48 -8.15
N THR A 135 5.86 -46.62 -7.48
CA THR A 135 6.07 -46.77 -6.05
C THR A 135 7.59 -46.76 -5.80
N VAL A 136 8.06 -46.00 -4.80
CA VAL A 136 9.48 -45.91 -4.44
C VAL A 136 9.52 -45.95 -2.93
N ARG A 137 10.25 -46.91 -2.38
CA ARG A 137 10.44 -47.09 -0.94
C ARG A 137 11.93 -46.98 -0.59
N VAL A 138 12.22 -46.58 0.65
CA VAL A 138 13.56 -46.44 1.22
C VAL A 138 13.47 -46.99 2.62
N GLU A 139 14.54 -47.66 3.08
CA GLU A 139 14.56 -48.25 4.43
C GLU A 139 15.82 -47.83 5.13
N ASP A 140 15.79 -47.92 6.44
CA ASP A 140 16.91 -47.66 7.35
C ASP A 140 16.58 -48.46 8.60
N GLY A 141 16.93 -49.74 8.56
CA GLY A 141 16.63 -50.68 9.62
C GLY A 141 15.13 -50.93 9.65
N ASP A 142 14.52 -50.68 10.82
CA ASP A 142 13.08 -50.83 11.07
C ASP A 142 12.25 -49.68 10.43
N LYS A 143 12.90 -48.51 10.18
CA LYS A 143 12.24 -47.34 9.61
C LYS A 143 12.21 -47.41 8.11
N TRP A 144 11.12 -46.90 7.53
CA TRP A 144 10.91 -46.83 6.08
C TRP A 144 10.02 -45.64 5.71
N ALA A 145 10.09 -45.21 4.46
CA ALA A 145 9.30 -44.12 3.91
C ALA A 145 9.01 -44.45 2.47
N GLU A 146 7.77 -44.20 2.03
CA GLU A 146 7.41 -44.47 0.65
C GLU A 146 6.53 -43.47 0.02
N PHE A 147 6.61 -43.44 -1.31
CA PHE A 147 5.84 -42.62 -2.22
C PHE A 147 5.17 -43.55 -3.20
N LYS A 148 3.87 -43.34 -3.42
CA LYS A 148 3.05 -44.14 -4.35
C LYS A 148 2.26 -43.21 -5.26
N PRO A 149 1.96 -43.55 -6.54
CA PRO A 149 1.13 -42.63 -7.36
C PRO A 149 -0.22 -42.37 -6.71
N TYR A 150 -0.70 -41.12 -6.73
CA TYR A 150 -1.98 -40.65 -6.13
C TYR A 150 -2.38 -39.30 -6.77
N ASN A 151 -3.69 -39.07 -7.02
CA ASN A 151 -4.17 -37.82 -7.65
C ASN A 151 -4.51 -36.78 -6.60
N GLY A 152 -3.46 -36.19 -6.07
CA GLY A 152 -3.49 -35.18 -5.04
C GLY A 152 -2.26 -35.37 -4.19
N PHE A 153 -2.36 -35.14 -2.89
CA PHE A 153 -1.22 -35.32 -2.00
C PHE A 153 -1.70 -35.71 -0.64
N SER A 154 -1.22 -36.83 -0.12
CA SER A 154 -1.60 -37.32 1.19
C SER A 154 -0.37 -37.73 1.93
N LEU A 155 -0.47 -37.80 3.26
CA LEU A 155 0.59 -38.19 4.17
C LEU A 155 -0.01 -39.05 5.25
N ASP A 156 0.65 -40.19 5.51
CA ASP A 156 0.29 -41.16 6.53
C ASP A 156 1.60 -41.41 7.25
N PHE A 157 1.73 -40.96 8.50
CA PHE A 157 2.98 -41.06 9.25
C PHE A 157 2.81 -41.79 10.58
N THR A 158 3.72 -42.73 10.88
CA THR A 158 3.65 -43.47 12.12
C THR A 158 4.95 -43.29 12.93
N ILE A 159 4.80 -42.88 14.19
CA ILE A 159 5.92 -42.73 15.12
C ILE A 159 5.87 -43.91 16.13
N ASP A 160 7.00 -44.23 16.72
CA ASP A 160 7.03 -45.29 17.72
C ASP A 160 8.02 -44.90 18.80
N PHE A 161 7.50 -44.19 19.79
CA PHE A 161 8.30 -43.74 20.92
C PHE A 161 7.94 -44.53 22.16
N ASN A 162 8.98 -45.11 22.76
CA ASN A 162 8.82 -45.88 24.00
C ASN A 162 9.09 -44.88 25.15
N HIS A 163 8.32 -43.75 25.11
CA HIS A 163 8.36 -42.65 26.07
C HIS A 163 6.98 -42.44 26.70
N PRO A 164 6.92 -42.38 28.05
CA PRO A 164 5.63 -42.18 28.74
C PRO A 164 4.76 -41.02 28.24
N ALA A 165 5.39 -39.87 27.91
CA ALA A 165 4.71 -38.67 27.40
C ALA A 165 4.21 -38.80 25.93
N ILE A 166 5.04 -39.32 25.00
CA ILE A 166 4.67 -39.45 23.59
C ILE A 166 3.69 -40.62 23.32
N ASP A 167 3.93 -41.81 23.90
CA ASP A 167 3.07 -42.99 23.68
C ASP A 167 1.64 -42.78 24.20
N SER A 168 1.48 -41.86 25.18
CA SER A 168 0.22 -41.46 25.83
C SER A 168 -0.72 -40.96 24.72
N SER A 169 -0.13 -40.22 23.77
CA SER A 169 -0.78 -39.63 22.60
C SER A 169 -0.97 -40.64 21.43
N ASN A 170 -1.67 -40.17 20.38
CA ASN A 170 -1.89 -40.92 19.16
C ASN A 170 -0.56 -40.80 18.42
N GLN A 171 -0.06 -41.93 17.87
CA GLN A 171 1.23 -42.03 17.19
C GLN A 171 1.17 -42.20 15.66
N ARG A 172 -0.06 -42.25 15.10
CA ARG A 172 -0.28 -42.36 13.67
C ARG A 172 -1.20 -41.24 13.24
N TYR A 173 -0.80 -40.49 12.23
CA TYR A 173 -1.59 -39.39 11.73
C TYR A 173 -1.61 -39.49 10.20
N ALA A 174 -2.79 -39.26 9.63
CA ALA A 174 -2.99 -39.33 8.20
C ALA A 174 -3.86 -38.18 7.73
N MET A 175 -3.45 -37.51 6.66
CA MET A 175 -4.25 -36.42 6.13
C MET A 175 -4.15 -36.28 4.64
N ASN A 176 -5.24 -35.74 4.06
CA ASN A 176 -5.32 -35.37 2.65
C ASN A 176 -4.86 -33.92 2.73
N PHE A 177 -3.76 -33.64 2.07
CA PHE A 177 -3.15 -32.34 2.11
C PHE A 177 -3.87 -31.33 1.29
N SER A 178 -3.91 -30.09 1.80
CA SER A 178 -4.44 -28.90 1.13
C SER A 178 -3.84 -27.76 1.91
N ALA A 179 -3.86 -26.55 1.34
CA ALA A 179 -3.37 -25.36 2.03
C ALA A 179 -4.14 -25.19 3.36
N ASP A 180 -5.48 -25.39 3.35
CA ASP A 180 -6.34 -25.28 4.51
C ASP A 180 -6.05 -26.34 5.55
N ALA A 181 -6.02 -27.62 5.15
CA ALA A 181 -5.75 -28.73 6.06
C ALA A 181 -4.38 -28.59 6.71
N PHE A 182 -3.35 -28.14 5.95
CA PHE A 182 -2.02 -27.93 6.48
C PHE A 182 -2.04 -26.84 7.59
N MET A 183 -2.59 -25.65 7.29
CA MET A 183 -2.70 -24.50 8.21
C MET A 183 -3.41 -24.89 9.50
N ARG A 184 -4.59 -25.52 9.38
CA ARG A 184 -5.41 -25.94 10.52
C ARG A 184 -4.84 -27.08 11.36
N GLN A 185 -4.49 -28.19 10.72
CA GLN A 185 -4.02 -29.42 11.37
C GLN A 185 -2.54 -29.56 11.68
N ILE A 186 -1.67 -29.06 10.80
CA ILE A 186 -0.23 -29.24 10.92
C ILE A 186 0.63 -28.05 11.27
N SER A 187 0.54 -26.94 10.50
CA SER A 187 1.42 -25.77 10.70
C SER A 187 1.82 -25.39 12.13
N ARG A 188 0.89 -25.46 13.11
CA ARG A 188 1.18 -25.06 14.49
C ARG A 188 1.87 -26.11 15.35
N ALA A 189 2.05 -27.35 14.85
CA ALA A 189 2.71 -28.38 15.64
C ALA A 189 4.20 -28.05 15.81
N ARG A 190 4.68 -28.00 17.07
CA ARG A 190 6.07 -27.67 17.41
C ARG A 190 7.01 -28.85 17.45
N THR A 191 8.32 -28.55 17.33
CA THR A 191 9.37 -29.55 17.46
C THR A 191 9.48 -29.95 18.94
N PHE A 192 10.07 -31.12 19.20
CA PHE A 192 10.22 -31.64 20.55
C PHE A 192 11.61 -32.18 20.86
N GLY A 193 12.05 -31.93 22.08
CA GLY A 193 13.34 -32.39 22.55
C GLY A 193 13.26 -33.06 23.89
N PHE A 194 14.18 -33.96 24.15
CA PHE A 194 14.34 -34.69 25.41
C PHE A 194 15.43 -33.97 26.16
N MET A 195 15.20 -33.64 27.42
CA MET A 195 16.19 -32.91 28.24
C MET A 195 17.59 -33.56 28.25
N ARG A 196 17.65 -34.90 28.17
CA ARG A 196 18.89 -35.68 28.11
C ARG A 196 19.69 -35.18 26.91
N ASP A 197 19.07 -35.23 25.71
CA ASP A 197 19.65 -34.81 24.45
C ASP A 197 20.11 -33.36 24.42
N ILE A 198 19.25 -32.44 24.91
CA ILE A 198 19.51 -31.00 24.93
C ILE A 198 20.72 -30.69 25.73
N GLU A 199 20.83 -31.30 26.94
CA GLU A 199 21.97 -31.09 27.83
C GLU A 199 23.29 -31.52 27.16
N TYR A 200 23.30 -32.71 26.54
CA TYR A 200 24.44 -33.23 25.80
C TYR A 200 24.83 -32.24 24.70
N LEU A 201 23.91 -31.88 23.77
CA LEU A 201 24.19 -30.93 22.69
C LEU A 201 24.67 -29.58 23.19
N GLN A 202 24.10 -29.08 24.29
CA GLN A 202 24.50 -27.78 24.83
C GLN A 202 25.97 -27.68 25.35
N SER A 203 26.48 -28.74 26.00
CA SER A 203 27.85 -28.78 26.50
C SER A 203 28.83 -28.81 25.34
N ARG A 204 28.37 -29.31 24.16
CA ARG A 204 29.19 -29.41 22.94
C ARG A 204 29.09 -28.20 22.03
N GLY A 205 28.34 -27.19 22.48
CA GLY A 205 28.13 -25.94 21.76
C GLY A 205 26.94 -25.87 20.81
N LEU A 206 26.05 -26.89 20.81
CA LEU A 206 24.86 -26.94 19.96
C LEU A 206 23.59 -26.65 20.77
N CYS A 207 22.46 -26.34 20.10
CA CYS A 207 21.16 -26.02 20.72
C CYS A 207 21.19 -24.84 21.66
N LEU A 208 22.07 -23.86 21.38
CA LEU A 208 22.21 -22.68 22.22
C LEU A 208 21.00 -21.78 22.23
N GLY A 209 20.21 -21.77 21.15
CA GLY A 209 19.00 -20.97 21.03
C GLY A 209 17.72 -21.66 21.47
N GLY A 210 17.88 -22.79 22.13
CA GLY A 210 16.77 -23.57 22.63
C GLY A 210 16.19 -23.05 23.93
N SER A 211 14.86 -23.11 24.01
CA SER A 211 14.07 -22.70 25.18
C SER A 211 12.70 -23.33 25.06
N PHE A 212 11.81 -23.09 26.03
CA PHE A 212 10.43 -23.57 26.05
C PHE A 212 9.58 -22.78 25.06
N ASP A 213 10.07 -21.59 24.68
CA ASP A 213 9.44 -20.68 23.73
C ASP A 213 9.64 -21.15 22.31
N CYS A 214 10.46 -22.20 22.10
CA CYS A 214 10.69 -22.69 20.75
C CYS A 214 10.58 -24.19 20.59
N ALA A 215 10.07 -24.94 21.60
CA ALA A 215 9.97 -26.41 21.51
C ALA A 215 9.25 -27.08 22.66
N ILE A 216 8.77 -28.31 22.41
CA ILE A 216 8.16 -29.13 23.43
C ILE A 216 9.40 -29.77 24.10
N VAL A 217 9.60 -29.49 25.37
CA VAL A 217 10.73 -30.05 26.11
C VAL A 217 10.18 -31.18 26.96
N VAL A 218 10.76 -32.38 26.83
CA VAL A 218 10.31 -33.54 27.61
C VAL A 218 11.42 -34.10 28.48
N ASP A 219 11.08 -34.49 29.70
CA ASP A 219 12.04 -35.13 30.58
C ASP A 219 11.88 -36.66 30.38
N ASP A 220 12.25 -37.49 31.35
CA ASP A 220 12.12 -38.92 31.14
C ASP A 220 10.72 -39.41 31.33
N TYR A 221 9.82 -38.53 31.79
CA TYR A 221 8.45 -38.89 32.10
C TYR A 221 7.32 -38.01 31.54
N ARG A 222 7.55 -36.70 31.46
CA ARG A 222 6.50 -35.78 31.05
C ARG A 222 6.92 -34.58 30.22
N VAL A 223 5.91 -33.86 29.70
CA VAL A 223 6.09 -32.63 28.94
C VAL A 223 6.33 -31.59 30.05
N LEU A 224 7.42 -30.80 29.94
CA LEU A 224 7.80 -29.79 30.93
C LEU A 224 7.18 -28.41 30.65
N ASN A 225 6.66 -28.19 29.45
CA ASN A 225 6.04 -26.92 29.08
C ASN A 225 4.78 -26.71 29.88
N GLU A 226 4.76 -25.57 30.61
CA GLU A 226 3.70 -25.07 31.48
C GLU A 226 2.31 -25.27 30.91
N ASP A 227 2.10 -24.71 29.71
CA ASP A 227 0.86 -24.68 28.96
C ASP A 227 0.55 -25.98 28.20
N GLY A 228 1.47 -26.94 28.26
CA GLY A 228 1.37 -28.25 27.64
C GLY A 228 1.53 -28.30 26.13
N LEU A 229 0.71 -29.12 25.50
CA LEU A 229 0.66 -29.35 24.08
C LEU A 229 -0.45 -28.52 23.43
N ARG A 230 -0.28 -28.17 22.15
CA ARG A 230 -1.25 -27.44 21.34
C ARG A 230 -2.24 -28.45 20.79
N PHE A 231 -1.82 -29.74 20.71
CA PHE A 231 -2.60 -30.90 20.22
C PHE A 231 -2.21 -32.09 21.02
N GLU A 232 -3.16 -33.02 21.20
CA GLU A 232 -2.98 -34.28 21.92
C GLU A 232 -1.79 -35.06 21.31
N ASP A 233 -1.71 -35.07 19.97
CA ASP A 233 -0.72 -35.75 19.16
C ASP A 233 0.13 -34.74 18.36
N GLU A 234 0.65 -33.72 19.07
CA GLU A 234 1.48 -32.68 18.49
C GLU A 234 2.76 -33.29 17.98
N PHE A 235 3.25 -34.36 18.66
CA PHE A 235 4.47 -35.05 18.27
C PHE A 235 4.41 -35.58 16.84
N VAL A 236 3.39 -36.42 16.53
CA VAL A 236 3.18 -36.98 15.20
C VAL A 236 2.81 -35.89 14.14
N ARG A 237 2.05 -34.84 14.55
CA ARG A 237 1.69 -33.74 13.63
C ARG A 237 2.99 -33.03 13.18
N HIS A 238 3.96 -32.81 14.13
CA HIS A 238 5.24 -32.18 13.76
C HIS A 238 6.10 -33.05 12.84
N LYS A 239 6.15 -34.37 13.09
CA LYS A 239 6.92 -35.29 12.25
C LYS A 239 6.40 -35.20 10.82
N MET A 240 5.06 -35.11 10.66
CA MET A 240 4.46 -34.93 9.34
C MET A 240 4.86 -33.55 8.77
N LEU A 241 4.90 -32.49 9.60
CA LEU A 241 5.29 -31.13 9.19
C LEU A 241 6.76 -31.16 8.63
N ASP A 242 7.68 -31.83 9.34
CA ASP A 242 9.08 -31.99 8.90
C ASP A 242 9.13 -32.68 7.50
N ALA A 243 8.34 -33.79 7.31
CA ALA A 243 8.25 -34.53 6.06
C ALA A 243 7.80 -33.62 4.92
N ILE A 244 6.76 -32.78 5.16
CA ILE A 244 6.25 -31.81 4.19
C ILE A 244 7.37 -30.84 3.83
N GLY A 245 8.05 -30.32 4.85
CA GLY A 245 9.17 -29.40 4.69
C GLY A 245 10.33 -29.97 3.90
N ASP A 246 10.76 -31.17 4.30
CA ASP A 246 11.86 -31.92 3.69
C ASP A 246 11.58 -32.31 2.27
N LEU A 247 10.37 -32.80 1.99
CA LEU A 247 10.03 -33.16 0.61
C LEU A 247 10.04 -31.97 -0.31
N PHE A 248 9.81 -30.75 0.22
CA PHE A 248 9.81 -29.48 -0.52
C PHE A 248 11.21 -29.02 -0.97
N MET A 249 12.24 -29.80 -0.64
CA MET A 249 13.62 -29.54 -1.02
C MET A 249 13.83 -29.60 -2.51
N CYS A 250 12.88 -30.21 -3.26
CA CYS A 250 12.98 -30.23 -4.72
C CYS A 250 12.44 -28.90 -5.27
N GLY A 251 11.80 -28.11 -4.38
CA GLY A 251 11.25 -26.79 -4.67
C GLY A 251 9.99 -26.74 -5.51
N HIS A 252 9.23 -27.86 -5.56
CA HIS A 252 7.99 -28.02 -6.33
C HIS A 252 7.04 -28.84 -5.51
N ASN A 253 5.72 -28.64 -5.68
CA ASN A 253 4.75 -29.45 -4.95
C ASN A 253 4.74 -30.83 -5.56
N ILE A 254 4.52 -31.86 -4.74
CA ILE A 254 4.46 -33.24 -5.25
C ILE A 254 3.00 -33.73 -5.36
N ILE A 255 2.68 -34.46 -6.44
CA ILE A 255 1.40 -35.13 -6.68
C ILE A 255 1.69 -36.64 -6.46
N GLY A 256 1.27 -37.16 -5.31
CA GLY A 256 1.50 -38.54 -4.91
C GLY A 256 1.19 -38.82 -3.47
N ALA A 257 1.25 -40.11 -3.07
CA ALA A 257 0.93 -40.49 -1.71
C ALA A 257 2.15 -40.90 -0.86
N PHE A 258 2.43 -40.14 0.22
CA PHE A 258 3.56 -40.39 1.11
C PHE A 258 3.17 -41.22 2.34
N THR A 259 3.97 -42.26 2.67
CA THR A 259 3.75 -43.14 3.84
C THR A 259 5.06 -43.31 4.59
N ALA A 260 5.04 -43.25 5.94
CA ALA A 260 6.27 -43.38 6.71
C ALA A 260 6.09 -44.01 8.04
N TYR A 261 7.13 -44.71 8.48
CA TYR A 261 7.23 -45.35 9.77
C TYR A 261 8.60 -44.99 10.29
N LYS A 262 8.64 -44.22 11.39
CA LYS A 262 9.84 -43.75 12.09
C LYS A 262 10.81 -42.91 11.23
N SER A 263 10.27 -42.24 10.19
CA SER A 263 11.07 -41.39 9.31
C SER A 263 11.58 -40.12 10.03
N GLY A 264 12.55 -39.45 9.39
CA GLY A 264 13.21 -38.26 9.91
C GLY A 264 13.92 -37.55 8.80
N HIS A 265 14.60 -36.48 9.12
CA HIS A 265 15.31 -35.68 8.11
C HIS A 265 16.08 -36.49 7.11
N ALA A 266 16.89 -37.42 7.63
CA ALA A 266 17.73 -38.32 6.85
C ALA A 266 16.91 -39.16 5.88
N LEU A 267 15.91 -39.91 6.38
CA LEU A 267 15.08 -40.79 5.55
C LEU A 267 14.19 -40.05 4.55
N ASN A 268 13.63 -38.87 4.96
CA ASN A 268 12.81 -38.02 4.10
C ASN A 268 13.64 -37.58 2.92
N ASN A 269 14.91 -37.19 3.14
CA ASN A 269 15.79 -36.79 2.05
C ASN A 269 16.15 -38.00 1.18
N LYS A 270 16.33 -39.18 1.80
CA LYS A 270 16.67 -40.42 1.13
C LYS A 270 15.57 -40.76 0.11
N LEU A 271 14.30 -40.78 0.54
CA LEU A 271 13.21 -41.05 -0.39
C LEU A 271 13.17 -40.02 -1.50
N LEU A 272 13.15 -38.72 -1.13
CA LEU A 272 13.14 -37.64 -2.10
C LEU A 272 14.21 -37.89 -3.19
N GLN A 273 15.46 -38.08 -2.78
CA GLN A 273 16.58 -38.36 -3.68
C GLN A 273 16.40 -39.66 -4.44
N ALA A 274 15.85 -40.72 -3.78
CA ALA A 274 15.62 -42.01 -4.45
C ALA A 274 14.58 -41.82 -5.58
N VAL A 275 13.45 -41.15 -5.30
CA VAL A 275 12.40 -40.90 -6.30
C VAL A 275 13.01 -40.13 -7.46
N LEU A 276 13.60 -38.95 -7.17
CA LEU A 276 14.20 -38.09 -8.17
C LEU A 276 15.29 -38.72 -9.05
N ALA A 277 16.03 -39.73 -8.53
CA ALA A 277 17.11 -40.41 -9.27
C ALA A 277 16.59 -41.49 -10.22
N LYS A 278 15.34 -41.94 -9.99
CA LYS A 278 14.66 -42.98 -10.77
C LYS A 278 13.79 -42.26 -11.78
N GLN A 279 14.41 -41.90 -12.89
CA GLN A 279 13.88 -41.20 -14.06
C GLN A 279 12.39 -41.50 -14.39
N GLU A 280 11.97 -42.79 -14.32
CA GLU A 280 10.64 -43.34 -14.62
C GLU A 280 9.62 -43.28 -13.48
N ALA A 281 10.07 -42.93 -12.27
CA ALA A 281 9.19 -42.88 -11.11
C ALA A 281 8.51 -41.53 -10.92
N TRP A 282 8.87 -40.53 -11.73
CA TRP A 282 8.27 -39.20 -11.66
C TRP A 282 8.33 -38.46 -13.00
N GLU A 283 7.59 -37.35 -13.09
CA GLU A 283 7.56 -36.44 -14.23
C GLU A 283 7.10 -35.06 -13.78
N TYR A 284 7.47 -34.02 -14.51
CA TYR A 284 7.01 -32.66 -14.25
C TYR A 284 5.64 -32.50 -14.94
N VAL A 285 4.65 -31.97 -14.23
CA VAL A 285 3.35 -31.71 -14.80
C VAL A 285 2.94 -30.26 -14.59
N THR A 286 2.22 -29.72 -15.58
CA THR A 286 1.64 -28.39 -15.58
C THR A 286 0.18 -28.58 -15.91
N PHE A 287 -0.64 -27.59 -15.57
CA PHE A 287 -2.06 -27.61 -15.78
C PHE A 287 -2.50 -26.38 -16.54
N GLN A 288 -2.39 -26.45 -17.88
CA GLN A 288 -2.88 -25.41 -18.78
C GLN A 288 -4.41 -25.27 -18.63
N ASP A 289 -5.11 -26.38 -18.28
CA ASP A 289 -6.55 -26.41 -18.02
C ASP A 289 -6.74 -26.58 -16.52
N ASP A 290 -7.22 -25.51 -15.85
CA ASP A 290 -7.49 -25.41 -14.40
C ASP A 290 -8.35 -26.55 -13.86
N ALA A 291 -9.24 -27.10 -14.68
CA ALA A 291 -10.14 -28.21 -14.33
C ALA A 291 -9.41 -29.49 -13.94
N GLU A 292 -8.23 -29.72 -14.50
CA GLU A 292 -7.43 -30.92 -14.25
C GLU A 292 -6.73 -31.03 -12.88
N LEU A 293 -6.50 -29.88 -12.23
CA LEU A 293 -5.86 -29.83 -10.95
C LEU A 293 -6.60 -30.63 -9.86
N PRO A 294 -5.88 -31.56 -9.19
CA PRO A 294 -6.52 -32.31 -8.10
C PRO A 294 -6.96 -31.35 -7.00
N LEU A 295 -8.06 -31.72 -6.32
CA LEU A 295 -8.66 -30.99 -5.19
C LEU A 295 -7.61 -30.55 -4.13
N ALA A 296 -6.60 -31.41 -3.84
CA ALA A 296 -5.54 -31.13 -2.86
C ALA A 296 -4.84 -29.77 -3.07
N PHE A 297 -4.74 -29.36 -4.33
CA PHE A 297 -4.08 -28.11 -4.70
C PHE A 297 -5.02 -26.91 -4.90
N LYS A 298 -6.25 -26.96 -4.33
CA LYS A 298 -7.24 -25.85 -4.37
C LYS A 298 -6.62 -24.63 -3.65
N ALA A 299 -7.11 -23.42 -3.98
CA ALA A 299 -6.63 -22.16 -3.37
C ALA A 299 -6.87 -22.13 -1.85
N PRO A 300 -5.98 -21.47 -1.05
CA PRO A 300 -6.25 -21.39 0.41
C PRO A 300 -7.51 -20.55 0.69
N MET B 1 -33.37 -19.97 16.03
CA MET B 1 -32.86 -19.30 17.24
C MET B 1 -31.34 -19.16 17.32
N ILE B 2 -30.86 -17.90 17.40
CA ILE B 2 -29.43 -17.58 17.53
C ILE B 2 -29.11 -17.67 19.02
N LYS B 3 -28.40 -18.73 19.36
CA LYS B 3 -28.03 -19.15 20.71
C LYS B 3 -26.69 -18.59 21.26
N GLN B 4 -26.67 -18.39 22.59
CA GLN B 4 -25.54 -17.95 23.41
C GLN B 4 -24.38 -18.89 23.23
N ARG B 5 -23.21 -18.33 23.02
CA ARG B 5 -22.00 -19.12 22.86
C ARG B 5 -21.17 -19.08 24.18
N THR B 6 -20.45 -20.18 24.47
CA THR B 6 -19.56 -20.40 25.62
C THR B 6 -18.41 -21.24 25.12
N LEU B 7 -17.46 -21.60 25.98
CA LEU B 7 -16.39 -22.45 25.46
C LEU B 7 -16.76 -23.92 25.73
N LYS B 8 -16.05 -24.86 25.08
CA LYS B 8 -16.34 -26.27 25.29
C LYS B 8 -15.51 -26.83 26.45
N ARG B 9 -14.18 -26.60 26.42
CA ARG B 9 -13.19 -27.04 27.44
C ARG B 9 -12.42 -25.84 28.07
N ILE B 10 -11.62 -26.11 29.15
CA ILE B 10 -10.80 -25.13 29.87
C ILE B 10 -9.45 -24.99 29.15
N VAL B 11 -9.05 -23.74 28.85
CA VAL B 11 -7.75 -23.44 28.21
C VAL B 11 -6.94 -22.51 29.10
N GLN B 12 -5.61 -22.53 28.93
CA GLN B 12 -4.74 -21.70 29.72
C GLN B 12 -3.55 -21.24 28.93
N ALA B 13 -3.15 -19.99 29.17
CA ALA B 13 -1.96 -19.39 28.57
C ALA B 13 -1.22 -18.62 29.65
N THR B 14 0.11 -18.58 29.55
CA THR B 14 0.95 -17.85 30.50
C THR B 14 1.85 -16.89 29.73
N GLY B 15 1.97 -15.68 30.27
CA GLY B 15 2.81 -14.62 29.72
C GLY B 15 2.96 -13.48 30.69
N VAL B 16 3.80 -12.50 30.35
CA VAL B 16 4.01 -11.32 31.20
C VAL B 16 2.89 -10.30 31.06
N GLY B 17 2.54 -9.66 32.16
CA GLY B 17 1.61 -8.54 32.17
C GLY B 17 2.44 -7.35 31.73
N LEU B 18 1.94 -6.53 30.78
CA LEU B 18 2.72 -5.39 30.26
C LEU B 18 3.31 -4.44 31.35
N HIS B 19 2.51 -4.11 32.39
CA HIS B 19 2.93 -3.21 33.43
C HIS B 19 3.67 -3.80 34.65
N THR B 20 3.12 -4.86 35.25
CA THR B 20 3.73 -5.50 36.40
C THR B 20 5.02 -6.21 36.04
N GLY B 21 5.06 -6.81 34.85
CA GLY B 21 6.22 -7.57 34.40
C GLY B 21 6.20 -8.96 35.02
N LYS B 22 5.13 -9.23 35.79
CA LYS B 22 4.90 -10.49 36.49
C LYS B 22 4.27 -11.54 35.58
N LYS B 23 4.67 -12.81 35.80
CA LYS B 23 4.23 -13.99 35.06
C LYS B 23 2.74 -14.23 35.32
N VAL B 24 1.90 -13.92 34.32
CA VAL B 24 0.44 -14.10 34.42
C VAL B 24 0.00 -15.42 33.80
N THR B 25 -0.94 -16.10 34.48
CA THR B 25 -1.54 -17.32 34.02
C THR B 25 -2.97 -16.96 33.77
N LEU B 26 -3.31 -16.88 32.49
CA LEU B 26 -4.67 -16.59 32.04
C LEU B 26 -5.34 -17.94 31.79
N THR B 27 -6.50 -18.12 32.40
CA THR B 27 -7.33 -19.32 32.32
C THR B 27 -8.72 -18.94 31.84
N LEU B 28 -9.19 -19.63 30.80
CA LEU B 28 -10.53 -19.37 30.24
C LEU B 28 -11.41 -20.58 30.50
N ARG B 29 -12.50 -20.36 31.22
CA ARG B 29 -13.40 -21.43 31.62
C ARG B 29 -14.81 -21.32 31.04
N PRO B 30 -15.34 -22.43 30.44
CA PRO B 30 -16.71 -22.44 29.94
C PRO B 30 -17.73 -22.12 31.03
N ALA B 31 -18.90 -21.59 30.68
CA ALA B 31 -19.90 -21.26 31.69
C ALA B 31 -21.35 -21.52 31.20
N PRO B 32 -22.31 -21.89 32.09
CA PRO B 32 -23.69 -22.11 31.62
C PRO B 32 -24.37 -20.83 31.12
N ALA B 33 -25.49 -21.01 30.39
CA ALA B 33 -26.29 -19.94 29.80
C ALA B 33 -26.64 -18.83 30.78
N ASN B 34 -26.75 -17.60 30.27
CA ASN B 34 -27.11 -16.40 31.03
C ASN B 34 -26.14 -15.98 32.16
N THR B 35 -24.88 -16.50 32.14
CA THR B 35 -23.88 -16.12 33.15
C THR B 35 -23.15 -14.80 32.84
N GLY B 36 -22.89 -14.56 31.56
CA GLY B 36 -22.20 -13.37 31.08
C GLY B 36 -20.69 -13.56 30.96
N VAL B 37 -20.01 -12.46 30.74
CA VAL B 37 -18.55 -12.43 30.66
C VAL B 37 -18.10 -12.01 32.08
N ILE B 38 -17.38 -12.90 32.79
CA ILE B 38 -16.90 -12.63 34.14
C ILE B 38 -15.39 -12.67 34.18
N TYR B 39 -14.78 -11.64 34.76
CA TYR B 39 -13.32 -11.54 34.96
C TYR B 39 -13.09 -11.89 36.39
N ARG B 40 -12.18 -12.81 36.62
CA ARG B 40 -11.92 -13.23 37.98
C ARG B 40 -10.45 -13.18 38.33
N ARG B 41 -10.14 -12.50 39.45
CA ARG B 41 -8.79 -12.39 39.98
C ARG B 41 -8.63 -13.60 40.89
N THR B 42 -7.90 -14.63 40.43
CA THR B 42 -7.65 -15.89 41.18
C THR B 42 -6.56 -15.78 42.26
N ASP B 43 -5.60 -14.85 42.11
CA ASP B 43 -4.50 -14.63 43.06
C ASP B 43 -4.96 -14.13 44.42
N LEU B 44 -6.14 -13.53 44.49
CA LEU B 44 -6.70 -13.01 45.73
C LEU B 44 -7.49 -14.11 46.40
N ASN B 45 -7.63 -14.02 47.74
CA ASN B 45 -8.33 -15.02 48.53
C ASN B 45 -9.27 -14.36 49.50
N PRO B 46 -10.60 -14.43 49.27
CA PRO B 46 -11.30 -15.10 48.14
C PRO B 46 -11.09 -14.45 46.75
N PRO B 47 -11.30 -15.19 45.62
CA PRO B 47 -11.14 -14.55 44.30
C PRO B 47 -12.14 -13.40 44.07
N VAL B 48 -11.71 -12.33 43.36
CA VAL B 48 -12.58 -11.16 43.08
C VAL B 48 -13.15 -11.26 41.67
N ASP B 49 -14.48 -11.11 41.54
CA ASP B 49 -15.23 -11.22 40.27
C ASP B 49 -15.61 -9.87 39.64
N PHE B 50 -15.34 -9.70 38.33
CA PHE B 50 -15.67 -8.48 37.57
C PHE B 50 -16.69 -8.81 36.47
N PRO B 51 -17.96 -8.43 36.66
CA PRO B 51 -18.95 -8.66 35.59
C PRO B 51 -18.70 -7.66 34.46
N ALA B 52 -19.07 -7.99 33.20
CA ALA B 52 -18.82 -7.06 32.10
C ALA B 52 -19.74 -5.85 32.16
N ASP B 53 -19.22 -4.72 32.67
CA ASP B 53 -19.96 -3.47 32.79
C ASP B 53 -19.08 -2.32 32.31
N ALA B 54 -19.63 -1.46 31.43
CA ALA B 54 -18.95 -0.29 30.87
C ALA B 54 -18.56 0.67 31.98
N LYS B 55 -19.40 0.74 33.02
CA LYS B 55 -19.20 1.58 34.21
C LYS B 55 -18.01 1.13 35.10
N SER B 56 -17.53 -0.13 34.91
CA SER B 56 -16.38 -0.77 35.59
C SER B 56 -15.06 -0.14 35.10
N VAL B 57 -15.06 0.36 33.84
CA VAL B 57 -13.90 0.97 33.25
C VAL B 57 -13.73 2.30 33.95
N ARG B 58 -12.79 2.32 34.92
CA ARG B 58 -12.55 3.50 35.73
C ARG B 58 -11.18 4.17 35.53
N ASP B 59 -10.34 3.62 34.63
CA ASP B 59 -8.99 4.13 34.35
C ASP B 59 -8.69 3.77 32.91
N THR B 60 -8.41 4.79 32.06
CA THR B 60 -8.12 4.61 30.63
C THR B 60 -6.84 5.35 30.23
N MET B 61 -5.97 5.51 31.22
CA MET B 61 -4.68 6.15 31.16
C MET B 61 -3.72 5.38 30.27
N LEU B 62 -3.60 4.05 30.48
CA LEU B 62 -2.68 3.24 29.70
C LEU B 62 -3.33 2.22 28.82
N CYS B 63 -4.48 1.69 29.27
CA CYS B 63 -5.24 0.61 28.65
C CYS B 63 -6.66 0.72 29.18
N THR B 64 -7.48 -0.32 28.99
CA THR B 64 -8.78 -0.24 29.63
C THR B 64 -8.63 -1.06 30.89
N CYS B 65 -8.84 -0.37 32.00
CA CYS B 65 -8.70 -0.97 33.29
C CYS B 65 -10.01 -1.05 34.02
N LEU B 66 -10.31 -2.26 34.47
CA LEU B 66 -11.51 -2.48 35.25
C LEU B 66 -11.13 -2.33 36.72
N VAL B 67 -11.85 -1.47 37.43
CA VAL B 67 -11.61 -1.26 38.84
C VAL B 67 -12.91 -1.27 39.62
N ASN B 68 -12.96 -2.02 40.74
CA ASN B 68 -14.14 -2.13 41.62
C ASN B 68 -14.05 -1.14 42.78
N GLU B 69 -15.12 -1.10 43.64
CA GLU B 69 -15.23 -0.23 44.82
C GLU B 69 -13.99 -0.27 45.73
N HIS B 70 -13.46 -1.48 46.00
CA HIS B 70 -12.29 -1.70 46.86
C HIS B 70 -10.92 -1.59 46.16
N ASP B 71 -10.93 -0.96 44.97
CA ASP B 71 -9.78 -0.71 44.10
C ASP B 71 -9.10 -1.95 43.54
N VAL B 72 -9.87 -3.04 43.41
CA VAL B 72 -9.31 -4.26 42.80
C VAL B 72 -9.25 -3.95 41.32
N ARG B 73 -8.19 -4.39 40.63
CA ARG B 73 -8.01 -4.09 39.24
C ARG B 73 -7.72 -5.29 38.39
N ILE B 74 -8.02 -5.12 37.11
CA ILE B 74 -7.77 -6.02 36.00
C ILE B 74 -7.60 -5.10 34.81
N SER B 75 -6.35 -5.04 34.34
CA SER B 75 -5.87 -4.16 33.31
C SER B 75 -5.61 -4.87 31.99
N THR B 76 -5.54 -4.10 30.89
CA THR B 76 -5.28 -4.58 29.52
C THR B 76 -6.24 -5.68 29.03
N VAL B 77 -7.52 -5.48 29.29
CA VAL B 77 -8.59 -6.39 28.91
C VAL B 77 -9.02 -6.30 27.40
N GLU B 78 -8.80 -5.17 26.74
CA GLU B 78 -9.16 -4.84 25.35
C GLU B 78 -8.89 -5.84 24.25
N HIS B 79 -7.69 -6.42 24.20
CA HIS B 79 -7.33 -7.39 23.17
C HIS B 79 -8.07 -8.69 23.29
N LEU B 80 -8.20 -9.19 24.52
CA LEU B 80 -8.94 -10.39 24.82
C LEU B 80 -10.41 -10.16 24.51
N ASN B 81 -10.91 -8.98 24.92
CA ASN B 81 -12.29 -8.57 24.69
C ASN B 81 -12.62 -8.54 23.18
N ALA B 82 -11.65 -8.10 22.33
CA ALA B 82 -11.79 -8.03 20.87
C ALA B 82 -12.00 -9.46 20.33
N ALA B 83 -11.16 -10.42 20.79
CA ALA B 83 -11.23 -11.84 20.44
C ALA B 83 -12.60 -12.41 20.91
N LEU B 84 -13.06 -12.06 22.13
CA LEU B 84 -14.35 -12.55 22.57
C LEU B 84 -15.47 -11.98 21.72
N ALA B 85 -15.39 -10.68 21.37
CA ALA B 85 -16.38 -9.98 20.54
C ALA B 85 -16.39 -10.57 19.13
N GLY B 86 -15.21 -10.92 18.61
CA GLY B 86 -15.05 -11.50 17.29
C GLY B 86 -15.86 -12.76 17.11
N LEU B 87 -15.63 -13.75 18.00
CA LEU B 87 -16.29 -15.08 18.05
C LEU B 87 -17.62 -15.06 18.87
N GLY B 88 -18.16 -13.87 19.09
CA GLY B 88 -19.39 -13.67 19.82
C GLY B 88 -19.63 -14.49 21.08
N ILE B 89 -18.57 -14.68 21.90
CA ILE B 89 -18.60 -15.45 23.16
C ILE B 89 -19.41 -14.67 24.18
N ASP B 90 -20.53 -15.25 24.65
CA ASP B 90 -21.48 -14.66 25.61
C ASP B 90 -21.20 -15.01 27.06
N ASN B 91 -20.85 -16.30 27.32
CA ASN B 91 -20.62 -16.84 28.67
C ASN B 91 -19.21 -17.37 28.81
N ILE B 92 -18.43 -16.74 29.71
CA ILE B 92 -17.03 -17.11 29.95
C ILE B 92 -16.55 -16.55 31.31
N VAL B 93 -15.60 -17.26 31.92
CA VAL B 93 -14.93 -16.87 33.16
C VAL B 93 -13.48 -16.72 32.77
N ILE B 94 -13.02 -15.46 32.74
CA ILE B 94 -11.64 -15.12 32.40
C ILE B 94 -10.89 -14.97 33.75
N GLU B 95 -10.03 -15.95 34.01
CA GLU B 95 -9.27 -16.01 35.25
C GLU B 95 -7.86 -15.61 35.04
N VAL B 96 -7.36 -14.70 35.91
CA VAL B 96 -5.97 -14.19 36.00
C VAL B 96 -5.50 -14.20 37.45
N ASN B 97 -4.25 -14.63 37.66
CA ASN B 97 -3.61 -14.67 38.99
C ASN B 97 -2.68 -13.44 39.12
N ALA B 98 -3.03 -12.29 38.46
CA ALA B 98 -2.25 -11.05 38.49
C ALA B 98 -3.17 -9.84 38.19
N PRO B 99 -2.76 -8.56 38.40
CA PRO B 99 -3.73 -7.46 38.13
C PRO B 99 -3.97 -7.07 36.66
N GLU B 100 -3.56 -7.93 35.72
CA GLU B 100 -3.71 -7.71 34.29
C GLU B 100 -3.67 -8.99 33.44
N ILE B 101 -4.15 -8.88 32.18
CA ILE B 101 -4.16 -9.96 31.19
C ILE B 101 -2.74 -10.00 30.54
N PRO B 102 -2.12 -11.20 30.26
CA PRO B 102 -0.80 -11.21 29.59
C PRO B 102 -0.90 -10.52 28.23
N ILE B 103 0.09 -9.70 27.94
CA ILE B 103 0.19 -8.91 26.71
C ILE B 103 0.41 -9.70 25.42
N MET B 104 1.03 -10.88 25.53
CA MET B 104 1.35 -11.75 24.40
C MET B 104 2.11 -10.92 23.37
N ASP B 105 1.68 -10.91 22.08
CA ASP B 105 2.35 -10.16 21.01
C ASP B 105 1.85 -8.73 20.85
N GLY B 106 0.88 -8.34 21.67
CA GLY B 106 0.28 -7.02 21.66
C GLY B 106 -0.99 -6.96 20.83
N SER B 107 -1.39 -8.12 20.27
CA SER B 107 -2.57 -8.23 19.42
C SER B 107 -3.69 -9.06 20.01
N ALA B 108 -4.69 -9.39 19.19
CA ALA B 108 -5.84 -10.16 19.62
C ALA B 108 -5.73 -11.60 19.14
N ALA B 109 -4.80 -11.85 18.18
CA ALA B 109 -4.49 -13.14 17.55
C ALA B 109 -4.23 -14.26 18.58
N PRO B 110 -3.38 -14.06 19.63
CA PRO B 110 -3.17 -15.14 20.62
C PRO B 110 -4.43 -15.62 21.34
N PHE B 111 -5.32 -14.69 21.70
CA PHE B 111 -6.56 -15.04 22.38
C PHE B 111 -7.58 -15.69 21.42
N VAL B 112 -7.42 -15.46 20.10
CA VAL B 112 -8.29 -16.04 19.08
C VAL B 112 -7.96 -17.56 19.02
N TYR B 113 -6.66 -17.94 18.87
CA TYR B 113 -6.24 -19.35 18.82
C TYR B 113 -6.56 -20.10 20.11
N LEU B 114 -6.56 -19.38 21.25
CA LEU B 114 -6.87 -19.95 22.55
C LEU B 114 -8.34 -20.36 22.60
N LEU B 115 -9.26 -19.42 22.25
CA LEU B 115 -10.71 -19.61 22.20
C LEU B 115 -11.13 -20.65 21.14
N LEU B 116 -10.38 -20.70 20.03
CA LEU B 116 -10.65 -21.67 18.97
C LEU B 116 -10.29 -23.09 19.45
N ASP B 117 -9.07 -23.28 20.07
CA ASP B 117 -8.62 -24.56 20.66
C ASP B 117 -9.64 -25.03 21.68
N ALA B 118 -10.18 -24.11 22.49
CA ALA B 118 -11.21 -24.42 23.48
C ALA B 118 -12.55 -24.87 22.88
N GLY B 119 -12.82 -24.43 21.64
CA GLY B 119 -14.04 -24.72 20.91
C GLY B 119 -15.25 -23.96 21.43
N ILE B 120 -16.19 -23.65 20.54
CA ILE B 120 -17.40 -22.93 20.92
C ILE B 120 -18.53 -23.95 21.20
N ASP B 121 -19.45 -23.60 22.09
CA ASP B 121 -20.56 -24.44 22.49
C ASP B 121 -21.83 -23.62 22.52
N GLU B 122 -22.84 -24.09 21.76
CA GLU B 122 -24.11 -23.40 21.68
C GLU B 122 -25.00 -23.79 22.87
N LEU B 123 -25.71 -22.81 23.43
CA LEU B 123 -26.58 -23.02 24.61
C LEU B 123 -28.08 -22.84 24.29
N ASN B 124 -28.95 -23.59 24.98
CA ASN B 124 -30.40 -23.59 24.80
C ASN B 124 -31.10 -22.25 25.06
N SER B 125 -30.30 -21.20 25.31
CA SER B 125 -30.79 -19.85 25.53
C SER B 125 -30.37 -19.02 24.32
N ALA B 126 -31.15 -18.00 24.00
CA ALA B 126 -30.87 -17.13 22.88
C ALA B 126 -29.86 -16.04 23.21
N LYS B 127 -28.98 -15.76 22.23
CA LYS B 127 -27.97 -14.72 22.26
C LYS B 127 -28.69 -13.37 22.30
N LYS B 128 -28.20 -12.45 23.14
CA LYS B 128 -28.75 -11.11 23.31
C LYS B 128 -27.78 -10.13 22.67
N PHE B 129 -28.34 -9.17 21.91
CA PHE B 129 -27.58 -8.14 21.22
C PHE B 129 -28.08 -6.80 21.62
N VAL B 130 -27.17 -5.81 21.58
CA VAL B 130 -27.49 -4.42 21.86
C VAL B 130 -27.65 -3.79 20.46
N ARG B 131 -28.87 -3.35 20.14
CA ARG B 131 -29.17 -2.76 18.86
C ARG B 131 -29.18 -1.26 19.01
N ILE B 132 -28.48 -0.56 18.11
CA ILE B 132 -28.45 0.89 18.13
C ILE B 132 -29.69 1.35 17.37
N LYS B 133 -30.49 2.17 18.04
CA LYS B 133 -31.73 2.73 17.49
C LYS B 133 -31.80 4.26 17.36
N GLU B 134 -30.74 4.97 17.76
CA GLU B 134 -30.62 6.43 17.67
C GLU B 134 -29.15 6.77 17.54
N THR B 135 -28.89 7.94 16.95
CA THR B 135 -27.52 8.42 16.78
C THR B 135 -27.04 8.97 18.10
N VAL B 136 -25.80 8.60 18.49
CA VAL B 136 -25.09 9.04 19.70
C VAL B 136 -23.64 9.33 19.26
N ARG B 137 -23.16 10.53 19.56
CA ARG B 137 -21.82 11.01 19.27
C ARG B 137 -21.25 11.61 20.53
N VAL B 138 -20.01 11.29 20.85
CA VAL B 138 -19.31 11.85 22.01
C VAL B 138 -18.11 12.60 21.44
N GLU B 139 -17.57 13.56 22.19
CA GLU B 139 -16.43 14.36 21.69
C GLU B 139 -15.40 14.64 22.76
N ASP B 140 -14.27 15.22 22.35
CA ASP B 140 -13.14 15.68 23.15
C ASP B 140 -12.32 16.48 22.18
N GLY B 141 -12.61 17.76 22.12
CA GLY B 141 -11.94 18.68 21.21
C GLY B 141 -12.27 18.29 19.79
N ASP B 142 -11.23 17.92 19.02
CA ASP B 142 -11.32 17.50 17.62
C ASP B 142 -11.59 15.98 17.47
N LYS B 143 -11.43 15.21 18.54
CA LYS B 143 -11.66 13.78 18.53
C LYS B 143 -13.13 13.51 18.73
N TRP B 144 -13.67 12.48 18.08
CA TRP B 144 -15.07 12.10 18.26
C TRP B 144 -15.28 10.65 17.91
N ALA B 145 -16.37 10.09 18.44
CA ALA B 145 -16.78 8.71 18.22
C ALA B 145 -18.31 8.65 18.17
N GLU B 146 -18.86 7.96 17.18
CA GLU B 146 -20.30 7.85 17.10
C GLU B 146 -20.79 6.49 16.72
N PHE B 147 -22.00 6.17 17.19
CA PHE B 147 -22.77 4.96 16.91
C PHE B 147 -24.06 5.40 16.26
N LYS B 148 -24.37 4.84 15.10
CA LYS B 148 -25.58 5.11 14.30
C LYS B 148 -26.31 3.78 14.07
N PRO B 149 -27.65 3.74 13.79
CA PRO B 149 -28.30 2.45 13.52
C PRO B 149 -27.85 1.90 12.18
N TYR B 150 -27.63 0.62 12.15
CA TYR B 150 -27.17 -0.08 10.97
C TYR B 150 -27.64 -1.47 11.22
N ASN B 151 -27.89 -2.23 10.15
CA ASN B 151 -28.36 -3.59 10.28
C ASN B 151 -27.22 -4.58 10.05
N GLY B 152 -26.28 -4.53 10.98
CA GLY B 152 -25.09 -5.36 10.98
C GLY B 152 -24.10 -4.72 11.92
N PHE B 153 -22.82 -4.83 11.59
CA PHE B 153 -21.81 -4.19 12.40
C PHE B 153 -20.66 -3.72 11.57
N SER B 154 -20.47 -2.39 11.53
CA SER B 154 -19.40 -1.78 10.78
C SER B 154 -18.59 -0.86 11.69
N LEU B 155 -17.32 -0.73 11.35
CA LEU B 155 -16.34 0.09 12.07
C LEU B 155 -15.62 0.93 11.04
N ASP B 156 -15.48 2.22 11.32
CA ASP B 156 -14.85 3.23 10.47
C ASP B 156 -14.03 4.11 11.39
N PHE B 157 -12.70 3.98 11.30
CA PHE B 157 -11.79 4.70 12.18
C PHE B 157 -10.78 5.51 11.39
N THR B 158 -10.67 6.80 11.74
CA THR B 158 -9.71 7.73 11.16
C THR B 158 -8.76 8.16 12.28
N ILE B 159 -7.46 8.17 12.00
CA ILE B 159 -6.43 8.56 12.96
C ILE B 159 -5.67 9.79 12.46
N ASP B 160 -5.00 10.50 13.37
CA ASP B 160 -4.15 11.61 13.02
C ASP B 160 -3.12 11.86 14.09
N PHE B 161 -1.91 11.45 13.82
CA PHE B 161 -0.78 11.66 14.72
C PHE B 161 0.13 12.44 13.81
N ASN B 162 0.65 13.59 14.19
CA ASN B 162 1.54 14.24 13.21
C ASN B 162 2.96 13.66 13.42
N HIS B 163 3.08 12.34 13.14
CA HIS B 163 4.29 11.54 13.32
C HIS B 163 4.87 11.04 12.00
N PRO B 164 6.18 11.24 11.73
CA PRO B 164 6.74 10.82 10.44
C PRO B 164 6.50 9.37 10.08
N ALA B 165 6.46 8.46 11.08
CA ALA B 165 6.22 7.02 10.90
C ALA B 165 4.75 6.66 10.66
N ILE B 166 3.84 7.25 11.45
CA ILE B 166 2.42 6.97 11.34
C ILE B 166 1.78 7.66 10.12
N ASP B 167 2.40 8.72 9.62
CA ASP B 167 1.89 9.44 8.45
C ASP B 167 2.04 8.66 7.18
N SER B 168 3.02 7.74 7.16
CA SER B 168 3.35 6.87 6.04
C SER B 168 2.28 5.81 5.78
N SER B 169 1.37 5.57 6.73
CA SER B 169 0.33 4.55 6.58
C SER B 169 -0.99 5.16 6.17
N ASN B 170 -1.98 4.34 5.72
CA ASN B 170 -3.31 4.83 5.37
C ASN B 170 -3.95 5.27 6.70
N GLN B 171 -4.50 6.46 6.75
CA GLN B 171 -5.04 7.01 7.99
C GLN B 171 -6.41 6.50 8.35
N ARG B 172 -7.12 5.93 7.37
CA ARG B 172 -8.44 5.41 7.62
C ARG B 172 -8.52 3.94 7.28
N TYR B 173 -9.39 3.23 8.02
CA TYR B 173 -9.74 1.83 7.86
C TYR B 173 -11.22 1.70 8.21
N ALA B 174 -11.93 1.09 7.28
CA ALA B 174 -13.36 0.88 7.37
C ALA B 174 -13.65 -0.52 6.92
N MET B 175 -14.53 -1.20 7.66
CA MET B 175 -14.90 -2.55 7.33
C MET B 175 -16.23 -2.98 7.89
N ASN B 176 -16.84 -3.97 7.24
CA ASN B 176 -18.07 -4.57 7.74
C ASN B 176 -17.51 -5.75 8.52
N PHE B 177 -17.83 -5.78 9.81
CA PHE B 177 -17.38 -6.81 10.72
C PHE B 177 -17.94 -8.18 10.40
N SER B 178 -17.20 -9.21 10.81
CA SER B 178 -17.53 -10.63 10.69
C SER B 178 -16.39 -11.33 11.41
N ALA B 179 -16.64 -12.59 11.82
CA ALA B 179 -15.65 -13.38 12.50
C ALA B 179 -14.47 -13.62 11.60
N ASP B 180 -14.69 -13.87 10.29
CA ASP B 180 -13.61 -14.10 9.31
C ASP B 180 -12.76 -12.84 9.04
N ALA B 181 -13.44 -11.69 8.85
CA ALA B 181 -12.83 -10.39 8.57
C ALA B 181 -12.00 -9.91 9.76
N PHE B 182 -12.58 -9.96 10.99
CA PHE B 182 -11.88 -9.55 12.20
C PHE B 182 -10.56 -10.31 12.28
N MET B 183 -10.65 -11.64 12.11
CA MET B 183 -9.55 -12.58 12.15
C MET B 183 -8.49 -12.32 11.11
N ARG B 184 -8.88 -12.15 9.83
CA ARG B 184 -7.95 -11.93 8.73
C ARG B 184 -7.38 -10.50 8.65
N GLN B 185 -8.23 -9.50 8.87
CA GLN B 185 -7.82 -8.11 8.72
C GLN B 185 -7.33 -7.34 9.96
N ILE B 186 -7.91 -7.59 11.15
CA ILE B 186 -7.65 -6.88 12.40
C ILE B 186 -6.87 -7.61 13.49
N SER B 187 -7.35 -8.79 13.93
CA SER B 187 -6.81 -9.61 15.02
C SER B 187 -5.30 -9.53 15.32
N ARG B 188 -4.44 -9.64 14.27
CA ARG B 188 -2.98 -9.58 14.40
C ARG B 188 -2.39 -8.17 14.58
N ALA B 189 -3.09 -7.06 14.25
CA ALA B 189 -2.55 -5.69 14.42
C ALA B 189 -2.20 -5.42 15.87
N ARG B 190 -0.89 -5.19 16.13
CA ARG B 190 -0.28 -4.97 17.46
C ARG B 190 -0.33 -3.52 17.90
N THR B 191 -0.32 -3.36 19.24
CA THR B 191 -0.27 -2.08 19.92
C THR B 191 1.02 -1.38 19.61
N PHE B 192 0.95 -0.07 19.70
CA PHE B 192 2.08 0.77 19.46
C PHE B 192 2.29 1.81 20.59
N GLY B 193 3.55 2.10 20.85
CA GLY B 193 3.95 3.07 21.84
C GLY B 193 5.02 3.98 21.27
N PHE B 194 5.20 5.14 21.90
CA PHE B 194 6.20 6.14 21.52
C PHE B 194 7.32 6.03 22.52
N MET B 195 8.55 5.99 22.03
CA MET B 195 9.77 5.87 22.83
C MET B 195 9.81 6.83 24.06
N ARG B 196 9.45 8.12 23.83
CA ARG B 196 9.36 9.18 24.84
C ARG B 196 8.44 8.77 25.99
N ASP B 197 7.27 8.19 25.67
CA ASP B 197 6.31 7.77 26.67
C ASP B 197 6.82 6.59 27.45
N ILE B 198 7.49 5.65 26.76
CA ILE B 198 8.04 4.41 27.33
C ILE B 198 9.17 4.72 28.33
N GLU B 199 10.07 5.64 27.95
CA GLU B 199 11.15 6.08 28.84
C GLU B 199 10.49 6.66 30.08
N TYR B 200 9.58 7.63 29.91
CA TYR B 200 8.84 8.25 31.00
C TYR B 200 8.10 7.25 31.86
N LEU B 201 7.37 6.29 31.28
CA LEU B 201 6.63 5.30 32.09
C LEU B 201 7.51 4.37 32.87
N GLN B 202 8.58 3.86 32.24
CA GLN B 202 9.50 2.92 32.88
C GLN B 202 10.27 3.50 34.09
N SER B 203 10.62 4.83 34.04
CA SER B 203 11.34 5.49 35.13
C SER B 203 10.46 5.62 36.35
N ARG B 204 9.11 5.51 36.14
CA ARG B 204 8.06 5.59 37.16
C ARG B 204 7.48 4.23 37.63
N GLY B 205 8.11 3.13 37.21
CA GLY B 205 7.73 1.77 37.57
C GLY B 205 6.67 1.06 36.75
N LEU B 206 6.22 1.65 35.62
CA LEU B 206 5.22 1.04 34.73
C LEU B 206 5.92 0.56 33.44
N CYS B 207 5.26 -0.32 32.65
CA CYS B 207 5.80 -0.83 31.38
C CYS B 207 6.92 -1.89 31.58
N LEU B 208 6.98 -2.51 32.75
CA LEU B 208 8.03 -3.48 33.07
C LEU B 208 8.13 -4.73 32.20
N GLY B 209 7.00 -5.32 31.84
CA GLY B 209 6.98 -6.51 31.01
C GLY B 209 6.95 -6.20 29.53
N GLY B 210 7.31 -4.96 29.19
CA GLY B 210 7.34 -4.50 27.81
C GLY B 210 8.60 -4.94 27.10
N SER B 211 8.48 -5.14 25.79
CA SER B 211 9.55 -5.53 24.88
C SER B 211 9.04 -5.31 23.47
N PHE B 212 9.96 -5.30 22.47
CA PHE B 212 9.72 -5.14 21.03
C PHE B 212 8.87 -6.29 20.48
N ASP B 213 8.84 -7.40 21.25
CA ASP B 213 8.16 -8.64 20.96
C ASP B 213 6.71 -8.56 21.41
N CYS B 214 6.34 -7.47 22.10
CA CYS B 214 4.95 -7.31 22.51
C CYS B 214 4.30 -6.02 21.93
N ALA B 215 5.09 -5.16 21.26
CA ALA B 215 4.56 -3.92 20.72
C ALA B 215 5.41 -3.26 19.65
N ILE B 216 4.76 -2.42 18.82
CA ILE B 216 5.43 -1.59 17.83
C ILE B 216 5.95 -0.40 18.66
N VAL B 217 7.23 -0.12 18.56
CA VAL B 217 7.80 1.01 19.30
C VAL B 217 8.32 1.97 18.28
N VAL B 218 7.91 3.24 18.38
CA VAL B 218 8.31 4.30 17.46
C VAL B 218 9.10 5.37 18.19
N ASP B 219 10.09 5.98 17.52
CA ASP B 219 10.88 7.10 18.07
C ASP B 219 10.29 8.40 17.42
N ASP B 220 11.04 9.51 17.31
CA ASP B 220 10.46 10.72 16.70
C ASP B 220 10.30 10.64 15.19
N TYR B 221 10.88 9.61 14.58
CA TYR B 221 10.92 9.45 13.14
C TYR B 221 10.46 8.11 12.56
N ARG B 222 10.76 6.99 13.20
CA ARG B 222 10.52 5.66 12.64
C ARG B 222 10.10 4.57 13.60
N VAL B 223 9.69 3.42 13.04
CA VAL B 223 9.34 2.22 13.77
C VAL B 223 10.72 1.68 14.15
N LEU B 224 10.91 1.38 15.44
CA LEU B 224 12.18 0.89 15.97
C LEU B 224 12.40 -0.61 15.81
N ASN B 225 11.31 -1.41 15.70
CA ASN B 225 11.35 -2.87 15.51
C ASN B 225 12.07 -3.23 14.18
N GLU B 226 13.04 -4.16 14.25
CA GLU B 226 13.84 -4.62 13.11
C GLU B 226 12.98 -5.11 11.90
N ASP B 227 11.94 -5.89 12.19
CA ASP B 227 11.06 -6.51 11.19
C ASP B 227 9.87 -5.68 10.68
N GLY B 228 9.80 -4.40 11.08
CA GLY B 228 8.76 -3.45 10.68
C GLY B 228 7.36 -3.81 11.11
N LEU B 229 6.41 -3.70 10.16
CA LEU B 229 4.99 -3.96 10.45
C LEU B 229 4.40 -5.16 9.75
N ARG B 230 3.37 -5.73 10.38
CA ARG B 230 2.62 -6.85 9.84
C ARG B 230 1.75 -6.36 8.70
N PHE B 231 1.17 -5.16 8.82
CA PHE B 231 0.34 -4.49 7.79
C PHE B 231 0.92 -3.11 7.51
N GLU B 232 0.70 -2.56 6.31
CA GLU B 232 1.21 -1.21 6.02
C GLU B 232 0.50 -0.14 6.89
N ASP B 233 -0.79 -0.43 7.27
CA ASP B 233 -1.69 0.37 8.10
C ASP B 233 -2.02 -0.31 9.43
N GLU B 234 -0.98 -0.93 10.07
CA GLU B 234 -1.13 -1.61 11.37
C GLU B 234 -1.68 -0.66 12.45
N PHE B 235 -1.19 0.59 12.47
CA PHE B 235 -1.60 1.65 13.39
C PHE B 235 -3.11 1.84 13.44
N VAL B 236 -3.72 2.11 12.29
CA VAL B 236 -5.18 2.27 12.23
C VAL B 236 -5.96 0.95 12.52
N ARG B 237 -5.43 -0.21 12.05
CA ARG B 237 -6.09 -1.47 12.36
C ARG B 237 -6.01 -1.77 13.89
N HIS B 238 -4.90 -1.38 14.58
CA HIS B 238 -4.88 -1.61 16.02
C HIS B 238 -5.89 -0.71 16.72
N LYS B 239 -5.99 0.56 16.30
CA LYS B 239 -6.98 1.46 16.92
C LYS B 239 -8.37 0.85 16.82
N MET B 240 -8.69 0.22 15.67
CA MET B 240 -9.97 -0.49 15.44
C MET B 240 -10.03 -1.75 16.31
N LEU B 241 -8.90 -2.49 16.45
CA LEU B 241 -8.88 -3.65 17.34
C LEU B 241 -9.34 -3.24 18.74
N ASP B 242 -8.78 -2.13 19.28
CA ASP B 242 -9.11 -1.60 20.61
C ASP B 242 -10.52 -1.15 20.69
N ALA B 243 -11.09 -0.57 19.59
CA ALA B 243 -12.48 -0.08 19.61
C ALA B 243 -13.44 -1.26 19.78
N ILE B 244 -13.15 -2.37 19.08
CA ILE B 244 -13.94 -3.62 19.14
C ILE B 244 -13.96 -4.13 20.59
N GLY B 245 -12.76 -4.20 21.20
CA GLY B 245 -12.57 -4.65 22.58
C GLY B 245 -13.20 -3.72 23.59
N ASP B 246 -12.99 -2.42 23.40
CA ASP B 246 -13.53 -1.41 24.30
C ASP B 246 -15.03 -1.40 24.28
N LEU B 247 -15.63 -1.56 23.08
CA LEU B 247 -17.10 -1.58 22.98
C LEU B 247 -17.70 -2.88 23.54
N PHE B 248 -16.94 -4.00 23.51
CA PHE B 248 -17.35 -5.29 24.06
C PHE B 248 -17.50 -5.24 25.58
N MET B 249 -17.22 -4.07 26.19
CA MET B 249 -17.36 -3.89 27.63
C MET B 249 -18.79 -4.02 28.18
N CYS B 250 -19.81 -4.00 27.30
CA CYS B 250 -21.22 -4.18 27.72
C CYS B 250 -21.50 -5.68 27.89
N GLY B 251 -20.63 -6.52 27.32
CA GLY B 251 -20.76 -7.98 27.40
C GLY B 251 -21.56 -8.59 26.28
N HIS B 252 -22.08 -7.75 25.35
CA HIS B 252 -22.87 -8.20 24.20
C HIS B 252 -22.40 -7.53 22.93
N ASN B 253 -22.48 -8.28 21.81
CA ASN B 253 -22.15 -7.80 20.48
C ASN B 253 -23.14 -6.67 20.13
N ILE B 254 -22.70 -5.68 19.36
CA ILE B 254 -23.57 -4.56 19.02
C ILE B 254 -23.93 -4.55 17.54
N ILE B 255 -25.21 -4.28 17.25
CA ILE B 255 -25.72 -4.15 15.90
C ILE B 255 -25.79 -2.63 15.68
N GLY B 256 -24.89 -2.13 14.84
CA GLY B 256 -24.81 -0.69 14.54
C GLY B 256 -23.57 -0.30 13.78
N ALA B 257 -23.44 1.00 13.49
CA ALA B 257 -22.29 1.54 12.76
C ALA B 257 -21.50 2.48 13.61
N PHE B 258 -20.21 2.14 13.78
CA PHE B 258 -19.28 2.91 14.57
C PHE B 258 -18.33 3.68 13.65
N THR B 259 -18.18 4.99 13.92
CA THR B 259 -17.28 5.89 13.19
C THR B 259 -16.54 6.66 14.23
N ALA B 260 -15.25 6.84 14.03
CA ALA B 260 -14.44 7.55 15.01
C ALA B 260 -13.29 8.25 14.38
N TYR B 261 -12.98 9.39 14.96
CA TYR B 261 -11.86 10.23 14.61
C TYR B 261 -11.02 10.44 15.86
N LYS B 262 -9.74 10.00 15.84
CA LYS B 262 -8.74 10.12 16.94
C LYS B 262 -9.24 9.57 18.26
N SER B 263 -10.11 8.55 18.23
CA SER B 263 -10.64 7.95 19.45
C SER B 263 -9.58 7.08 20.15
N GLY B 264 -9.87 6.69 21.36
CA GLY B 264 -8.98 5.83 22.13
C GLY B 264 -9.80 5.16 23.21
N HIS B 265 -9.15 4.56 24.18
CA HIS B 265 -9.85 3.86 25.28
C HIS B 265 -10.88 4.68 25.99
N ALA B 266 -10.52 5.92 26.37
CA ALA B 266 -11.38 6.84 27.11
C ALA B 266 -12.62 7.24 26.34
N LEU B 267 -12.43 7.61 25.04
CA LEU B 267 -13.50 8.06 24.18
C LEU B 267 -14.37 6.92 23.73
N ASN B 268 -13.79 5.71 23.57
CA ASN B 268 -14.56 4.53 23.18
C ASN B 268 -15.50 4.16 24.32
N ASN B 269 -15.05 4.27 25.56
CA ASN B 269 -15.90 3.96 26.71
C ASN B 269 -16.91 5.07 26.92
N LYS B 270 -16.51 6.34 26.63
CA LYS B 270 -17.42 7.48 26.79
C LYS B 270 -18.63 7.22 25.92
N LEU B 271 -18.41 6.74 24.67
CA LEU B 271 -19.47 6.40 23.72
C LEU B 271 -20.40 5.29 24.24
N LEU B 272 -19.83 4.15 24.65
CA LEU B 272 -20.55 3.01 25.16
C LEU B 272 -21.48 3.41 26.28
N GLN B 273 -20.94 4.08 27.28
CA GLN B 273 -21.66 4.58 28.44
C GLN B 273 -22.74 5.57 28.05
N ALA B 274 -22.47 6.49 27.12
CA ALA B 274 -23.45 7.48 26.69
C ALA B 274 -24.61 6.81 25.93
N VAL B 275 -24.33 5.68 25.26
CA VAL B 275 -25.37 4.94 24.55
C VAL B 275 -26.24 4.28 25.61
N LEU B 276 -25.64 3.41 26.45
CA LEU B 276 -26.28 2.65 27.51
C LEU B 276 -27.07 3.44 28.53
N ALA B 277 -26.74 4.73 28.71
CA ALA B 277 -27.39 5.67 29.64
C ALA B 277 -28.61 6.38 29.00
N LYS B 278 -28.88 6.10 27.71
CA LYS B 278 -30.00 6.66 26.96
C LYS B 278 -30.86 5.50 26.51
N GLN B 279 -31.85 5.13 27.34
CA GLN B 279 -32.81 4.04 27.16
C GLN B 279 -33.38 3.99 25.72
N GLU B 280 -33.64 5.17 25.14
CA GLU B 280 -34.20 5.28 23.80
C GLU B 280 -33.23 5.15 22.63
N ALA B 281 -31.91 4.99 22.91
CA ALA B 281 -30.84 4.85 21.90
C ALA B 281 -30.50 3.41 21.55
N TRP B 282 -30.95 2.45 22.36
CA TRP B 282 -30.64 1.03 22.14
C TRP B 282 -31.71 0.13 22.74
N GLU B 283 -31.69 -1.16 22.36
CA GLU B 283 -32.58 -2.18 22.87
C GLU B 283 -31.97 -3.58 22.83
N TYR B 284 -32.47 -4.51 23.65
CA TYR B 284 -31.94 -5.88 23.59
C TYR B 284 -32.72 -6.57 22.46
N VAL B 285 -32.01 -7.26 21.55
CA VAL B 285 -32.66 -7.98 20.45
C VAL B 285 -32.18 -9.42 20.41
N THR B 286 -33.15 -10.34 20.38
CA THR B 286 -32.93 -11.79 20.29
C THR B 286 -33.29 -12.20 18.85
N PHE B 287 -32.74 -13.31 18.37
CA PHE B 287 -33.05 -13.78 17.02
C PHE B 287 -33.63 -15.20 17.00
N GLN B 288 -34.96 -15.30 17.21
CA GLN B 288 -35.73 -16.55 17.19
C GLN B 288 -35.62 -17.24 15.82
N ASP B 289 -35.57 -16.47 14.71
CA ASP B 289 -35.39 -16.99 13.35
C ASP B 289 -33.94 -16.67 12.88
N ASP B 290 -33.16 -17.70 12.52
CA ASP B 290 -31.76 -17.61 12.10
C ASP B 290 -31.48 -16.78 10.87
N ALA B 291 -32.45 -16.67 9.95
CA ALA B 291 -32.31 -15.96 8.68
C ALA B 291 -32.25 -14.45 8.83
N GLU B 292 -32.73 -13.96 9.96
CA GLU B 292 -32.80 -12.54 10.34
C GLU B 292 -31.48 -11.99 10.86
N LEU B 293 -30.61 -12.90 11.34
CA LEU B 293 -29.32 -12.52 11.90
C LEU B 293 -28.48 -11.90 10.80
N PRO B 294 -27.96 -10.66 11.01
CA PRO B 294 -27.12 -10.03 9.98
C PRO B 294 -25.87 -10.86 9.74
N LEU B 295 -25.37 -10.88 8.49
CA LEU B 295 -24.17 -11.62 8.04
C LEU B 295 -22.97 -11.46 9.00
N ALA B 296 -22.83 -10.26 9.59
CA ALA B 296 -21.78 -9.88 10.52
C ALA B 296 -21.59 -10.87 11.66
N PHE B 297 -22.68 -11.27 12.30
CA PHE B 297 -22.64 -12.19 13.45
C PHE B 297 -22.68 -13.70 13.13
N LYS B 298 -22.78 -14.03 11.83
CA LYS B 298 -22.79 -15.41 11.37
C LYS B 298 -21.40 -16.01 11.60
N ALA B 299 -21.38 -17.20 12.25
CA ALA B 299 -20.24 -18.05 12.63
C ALA B 299 -19.09 -18.13 11.62
N PRO B 300 -17.81 -18.30 12.09
CA PRO B 300 -16.68 -18.39 11.14
C PRO B 300 -16.83 -19.47 10.05
N MET C 1 -25.63 6.51 -3.15
CA MET C 1 -25.36 7.80 -2.52
C MET C 1 -24.06 8.39 -3.03
N ILE C 2 -24.08 9.70 -3.34
CA ILE C 2 -22.92 10.46 -3.78
C ILE C 2 -22.24 10.84 -2.43
N LYS C 3 -21.10 10.19 -2.16
CA LYS C 3 -20.37 10.34 -0.91
C LYS C 3 -19.34 11.47 -0.86
N GLN C 4 -19.02 11.90 0.39
CA GLN C 4 -17.99 12.88 0.71
C GLN C 4 -16.66 12.21 0.33
N ARG C 5 -15.73 12.99 -0.19
CA ARG C 5 -14.45 12.47 -0.61
C ARG C 5 -13.35 13.08 0.21
N THR C 6 -12.26 12.33 0.40
CA THR C 6 -11.05 12.73 1.12
C THR C 6 -9.85 12.07 0.45
N LEU C 7 -8.65 12.16 1.05
CA LEU C 7 -7.47 11.51 0.50
C LEU C 7 -7.25 10.15 1.16
N LYS C 8 -6.50 9.25 0.53
CA LYS C 8 -6.24 7.95 1.14
C LYS C 8 -4.99 8.10 2.04
N ARG C 9 -3.98 8.78 1.51
CA ARG C 9 -2.73 9.00 2.22
C ARG C 9 -2.29 10.49 2.25
N ILE C 10 -1.40 10.81 3.20
CA ILE C 10 -0.81 12.13 3.43
C ILE C 10 0.22 12.41 2.32
N VAL C 11 0.09 13.58 1.65
CA VAL C 11 0.98 14.02 0.58
C VAL C 11 1.59 15.38 0.87
N GLN C 12 2.88 15.51 0.61
CA GLN C 12 3.64 16.73 0.84
C GLN C 12 4.15 17.27 -0.48
N ALA C 13 4.31 18.59 -0.53
CA ALA C 13 4.87 19.31 -1.65
C ALA C 13 5.52 20.58 -1.14
N THR C 14 6.87 20.67 -1.25
CA THR C 14 7.59 21.88 -0.87
C THR C 14 7.87 22.77 -2.11
N GLY C 15 7.74 24.07 -1.88
CA GLY C 15 7.92 25.07 -2.91
C GLY C 15 8.18 26.45 -2.34
N VAL C 16 7.79 27.48 -3.09
CA VAL C 16 8.00 28.87 -2.69
C VAL C 16 6.71 29.62 -2.73
N GLY C 17 6.51 30.49 -1.76
CA GLY C 17 5.34 31.35 -1.74
C GLY C 17 5.64 32.52 -2.66
N LEU C 18 4.75 32.75 -3.65
CA LEU C 18 4.84 33.78 -4.69
C LEU C 18 5.36 35.14 -4.21
N HIS C 19 4.83 35.67 -3.07
CA HIS C 19 5.18 36.96 -2.48
C HIS C 19 6.23 36.98 -1.36
N THR C 20 6.30 35.95 -0.51
CA THR C 20 7.32 35.92 0.54
C THR C 20 8.67 35.51 -0.05
N GLY C 21 8.63 34.62 -1.04
CA GLY C 21 9.84 34.10 -1.68
C GLY C 21 10.49 33.00 -0.88
N LYS C 22 9.92 32.70 0.30
CA LYS C 22 10.42 31.68 1.20
C LYS C 22 9.87 30.31 0.95
N LYS C 23 10.67 29.29 1.37
CA LYS C 23 10.41 27.86 1.30
C LYS C 23 9.14 27.52 2.12
N VAL C 24 8.13 26.97 1.44
CA VAL C 24 6.85 26.56 2.01
C VAL C 24 6.64 25.07 1.72
N THR C 25 6.16 24.32 2.71
CA THR C 25 5.83 22.90 2.65
C THR C 25 4.34 22.81 2.93
N LEU C 26 3.60 22.23 1.97
CA LEU C 26 2.16 22.04 2.06
C LEU C 26 1.91 20.55 2.29
N THR C 27 1.18 20.23 3.36
CA THR C 27 0.88 18.85 3.70
C THR C 27 -0.61 18.67 3.59
N LEU C 28 -1.01 17.71 2.75
CA LEU C 28 -2.42 17.39 2.56
C LEU C 28 -2.73 16.18 3.39
N ARG C 29 -3.67 16.33 4.34
CA ARG C 29 -4.06 15.24 5.24
C ARG C 29 -5.47 14.80 4.98
N PRO C 30 -5.77 13.49 5.08
CA PRO C 30 -7.15 13.04 4.93
C PRO C 30 -7.92 13.48 6.18
N ALA C 31 -9.26 13.55 6.10
CA ALA C 31 -10.06 13.90 7.27
C ALA C 31 -11.33 13.08 7.23
N PRO C 32 -12.02 12.83 8.38
CA PRO C 32 -13.25 12.04 8.35
C PRO C 32 -14.45 12.90 7.88
N ALA C 33 -15.60 12.23 7.77
CA ALA C 33 -16.88 12.79 7.38
C ALA C 33 -17.28 14.02 8.19
N ASN C 34 -17.86 15.01 7.49
CA ASN C 34 -18.39 16.25 8.08
C ASN C 34 -17.40 17.15 8.79
N THR C 35 -16.11 17.10 8.43
CA THR C 35 -15.11 17.98 9.05
C THR C 35 -14.86 19.22 8.16
N GLY C 36 -15.07 19.07 6.87
CA GLY C 36 -14.89 20.15 5.91
C GLY C 36 -13.46 20.36 5.45
N VAL C 37 -13.20 21.55 4.89
CA VAL C 37 -11.90 21.97 4.37
C VAL C 37 -11.29 22.91 5.41
N ILE C 38 -10.23 22.45 6.08
CA ILE C 38 -9.52 23.21 7.11
C ILE C 38 -8.14 23.58 6.56
N TYR C 39 -7.73 24.84 6.75
CA TYR C 39 -6.41 25.34 6.38
C TYR C 39 -5.76 25.53 7.73
N ARG C 40 -4.49 25.13 7.86
CA ARG C 40 -3.79 25.21 9.13
C ARG C 40 -2.37 25.68 8.99
N ARG C 41 -1.98 26.64 9.82
CA ARG C 41 -0.62 27.12 9.84
C ARG C 41 0.06 26.42 10.98
N THR C 42 0.96 25.50 10.66
CA THR C 42 1.67 24.67 11.63
C THR C 42 2.96 25.27 12.19
N ASP C 43 3.43 26.35 11.55
CA ASP C 43 4.64 27.09 11.92
C ASP C 43 4.46 27.86 13.24
N LEU C 44 3.22 27.96 13.74
CA LEU C 44 2.88 28.63 14.98
C LEU C 44 2.57 27.63 16.11
N ASN C 45 2.81 28.03 17.36
CA ASN C 45 2.52 27.22 18.54
C ASN C 45 1.58 27.96 19.51
N PRO C 46 0.29 27.55 19.62
CA PRO C 46 -0.38 26.42 18.93
C PRO C 46 -0.69 26.70 17.45
N PRO C 47 -0.84 25.66 16.60
CA PRO C 47 -1.16 25.92 15.18
C PRO C 47 -2.53 26.58 15.02
N VAL C 48 -2.69 27.36 13.96
CA VAL C 48 -3.92 28.09 13.73
C VAL C 48 -4.74 27.46 12.64
N ASP C 49 -6.03 27.24 12.89
CA ASP C 49 -6.95 26.66 11.93
C ASP C 49 -7.82 27.71 11.25
N PHE C 50 -8.22 27.45 9.98
CA PHE C 50 -9.06 28.30 9.17
C PHE C 50 -10.08 27.45 8.45
N PRO C 51 -11.29 27.27 9.00
CA PRO C 51 -12.32 26.53 8.26
C PRO C 51 -12.66 27.29 6.99
N ALA C 52 -12.89 26.57 5.87
CA ALA C 52 -13.21 27.21 4.60
C ALA C 52 -14.57 27.89 4.62
N ASP C 53 -14.54 29.21 4.85
CA ASP C 53 -15.68 30.12 4.89
C ASP C 53 -15.37 31.35 3.99
N ALA C 54 -16.38 31.85 3.25
CA ALA C 54 -16.24 33.02 2.35
C ALA C 54 -15.75 34.25 3.13
N LYS C 55 -16.44 34.57 4.24
CA LYS C 55 -16.19 35.69 5.16
C LYS C 55 -14.76 35.79 5.71
N SER C 56 -13.97 34.70 5.57
CA SER C 56 -12.57 34.60 6.00
C SER C 56 -11.60 35.28 5.01
N VAL C 57 -12.06 35.47 3.75
CA VAL C 57 -11.30 36.15 2.69
C VAL C 57 -11.32 37.63 3.06
N ARG C 58 -10.21 38.11 3.66
CA ARG C 58 -10.13 39.50 4.10
C ARG C 58 -9.12 40.41 3.37
N ASP C 59 -8.35 39.87 2.41
CA ASP C 59 -7.38 40.65 1.60
C ASP C 59 -7.46 40.12 0.17
N THR C 60 -7.84 40.98 -0.78
CA THR C 60 -7.99 40.54 -2.17
C THR C 60 -7.16 41.30 -3.19
N MET C 61 -6.13 41.98 -2.69
CA MET C 61 -5.20 42.80 -3.45
C MET C 61 -4.41 42.02 -4.50
N LEU C 62 -3.56 41.10 -4.08
CA LEU C 62 -2.74 40.28 -4.98
C LEU C 62 -3.30 38.88 -5.24
N CYS C 63 -3.97 38.30 -4.23
CA CYS C 63 -4.52 36.95 -4.26
C CYS C 63 -5.63 36.80 -3.22
N THR C 64 -6.24 35.59 -3.14
CA THR C 64 -7.25 35.30 -2.12
C THR C 64 -6.44 34.95 -0.89
N CYS C 65 -6.42 35.89 0.03
CA CYS C 65 -5.72 35.82 1.30
C CYS C 65 -6.74 35.68 2.42
N LEU C 66 -6.44 34.83 3.41
CA LEU C 66 -7.31 34.61 4.57
C LEU C 66 -6.63 35.13 5.80
N VAL C 67 -7.37 35.91 6.57
CA VAL C 67 -6.83 36.52 7.79
C VAL C 67 -7.82 36.38 8.93
N ASN C 68 -7.32 35.92 10.10
CA ASN C 68 -8.09 35.73 11.33
C ASN C 68 -8.05 37.00 12.21
N GLU C 69 -8.73 36.98 13.37
CA GLU C 69 -8.79 38.09 14.30
C GLU C 69 -7.45 38.61 14.89
N HIS C 70 -6.32 37.91 14.63
CA HIS C 70 -4.99 38.30 15.12
C HIS C 70 -3.92 38.51 14.01
N ASP C 71 -4.38 38.85 12.78
CA ASP C 71 -3.54 39.07 11.58
C ASP C 71 -2.68 37.85 11.13
N VAL C 72 -3.15 36.63 11.46
CA VAL C 72 -2.50 35.38 11.06
C VAL C 72 -3.03 35.17 9.65
N ARG C 73 -2.11 35.09 8.68
CA ARG C 73 -2.39 34.99 7.26
C ARG C 73 -2.17 33.68 6.59
N ILE C 74 -3.03 33.38 5.63
CA ILE C 74 -3.00 32.24 4.75
C ILE C 74 -3.43 32.68 3.34
N SER C 75 -2.46 32.94 2.44
CA SER C 75 -2.76 33.39 1.08
C SER C 75 -2.42 32.41 -0.05
N THR C 76 -2.92 32.69 -1.26
CA THR C 76 -2.76 31.90 -2.48
C THR C 76 -3.53 30.54 -2.45
N VAL C 77 -4.66 30.54 -1.74
CA VAL C 77 -5.56 29.39 -1.58
C VAL C 77 -6.35 29.04 -2.87
N GLU C 78 -6.50 30.00 -3.80
CA GLU C 78 -7.29 29.85 -5.03
C GLU C 78 -6.92 28.73 -6.01
N HIS C 79 -5.63 28.47 -6.19
CA HIS C 79 -5.20 27.42 -7.12
C HIS C 79 -5.46 26.03 -6.52
N LEU C 80 -5.13 25.84 -5.23
CA LEU C 80 -5.36 24.58 -4.53
C LEU C 80 -6.86 24.38 -4.44
N ASN C 81 -7.62 25.43 -4.06
CA ASN C 81 -9.08 25.32 -3.97
C ASN C 81 -9.74 24.84 -5.25
N ALA C 82 -9.21 25.27 -6.42
CA ALA C 82 -9.72 24.90 -7.71
C ALA C 82 -9.55 23.41 -7.89
N ALA C 83 -8.30 22.92 -7.63
CA ALA C 83 -7.91 21.51 -7.68
C ALA C 83 -8.77 20.67 -6.74
N LEU C 84 -9.16 21.22 -5.55
CA LEU C 84 -10.03 20.58 -4.57
C LEU C 84 -11.47 20.55 -5.08
N ALA C 85 -11.89 21.64 -5.76
CA ALA C 85 -13.25 21.82 -6.30
C ALA C 85 -13.49 20.92 -7.49
N GLY C 86 -12.48 20.81 -8.35
CA GLY C 86 -12.54 19.96 -9.54
C GLY C 86 -12.70 18.52 -9.14
N LEU C 87 -11.83 18.07 -8.20
CA LEU C 87 -11.84 16.70 -7.69
C LEU C 87 -12.97 16.40 -6.70
N GLY C 88 -13.68 17.43 -6.26
CA GLY C 88 -14.81 17.31 -5.35
C GLY C 88 -14.49 16.87 -3.94
N ILE C 89 -13.26 17.20 -3.46
CA ILE C 89 -12.74 16.88 -2.12
C ILE C 89 -13.43 17.69 -1.05
N ASP C 90 -14.35 17.06 -0.31
CA ASP C 90 -15.14 17.64 0.77
C ASP C 90 -14.40 17.86 2.07
N ASN C 91 -13.59 16.86 2.50
CA ASN C 91 -12.87 16.91 3.78
C ASN C 91 -11.39 16.72 3.60
N ILE C 92 -10.62 17.67 4.15
CA ILE C 92 -9.17 17.68 4.05
C ILE C 92 -8.56 18.63 5.10
N VAL C 93 -7.30 18.41 5.45
CA VAL C 93 -6.55 19.25 6.36
C VAL C 93 -5.36 19.76 5.54
N ILE C 94 -5.37 21.06 5.25
CA ILE C 94 -4.38 21.77 4.45
C ILE C 94 -3.37 22.42 5.39
N GLU C 95 -2.22 21.79 5.55
CA GLU C 95 -1.22 22.32 6.46
C GLU C 95 -0.10 23.07 5.72
N VAL C 96 0.31 24.24 6.24
CA VAL C 96 1.40 25.05 5.70
C VAL C 96 2.20 25.58 6.83
N ASN C 97 3.50 25.59 6.67
CA ASN C 97 4.43 26.09 7.68
C ASN C 97 4.90 27.51 7.28
N ALA C 98 4.02 28.30 6.63
CA ALA C 98 4.31 29.65 6.18
C ALA C 98 3.01 30.37 5.83
N PRO C 99 2.95 31.72 5.82
CA PRO C 99 1.70 32.43 5.48
C PRO C 99 1.09 32.11 4.12
N GLU C 100 1.81 31.49 3.19
CA GLU C 100 1.18 31.17 1.91
C GLU C 100 1.27 29.73 1.43
N ILE C 101 0.45 29.37 0.45
CA ILE C 101 0.41 28.07 -0.22
C ILE C 101 1.56 28.20 -1.25
N PRO C 102 2.39 27.17 -1.54
CA PRO C 102 3.47 27.39 -2.52
C PRO C 102 2.86 27.74 -3.86
N ILE C 103 3.60 28.50 -4.72
CA ILE C 103 3.09 28.92 -6.04
C ILE C 103 3.07 27.79 -7.07
N MET C 104 4.11 26.90 -7.04
CA MET C 104 4.24 25.77 -7.97
C MET C 104 4.51 26.30 -9.41
N ASP C 105 3.70 25.86 -10.43
CA ASP C 105 3.85 26.29 -11.82
C ASP C 105 2.95 27.50 -12.15
N GLY C 106 2.20 27.98 -11.17
CA GLY C 106 1.28 29.11 -11.34
C GLY C 106 -0.12 28.67 -11.68
N SER C 107 -0.34 27.35 -11.83
CA SER C 107 -1.65 26.77 -12.13
C SER C 107 -2.11 25.82 -11.00
N ALA C 108 -3.29 25.20 -11.21
CA ALA C 108 -3.90 24.26 -10.28
C ALA C 108 -3.40 22.83 -10.52
N ALA C 109 -2.96 22.53 -11.76
CA ALA C 109 -2.41 21.22 -12.19
C ALA C 109 -1.45 20.51 -11.17
N PRO C 110 -0.34 21.13 -10.66
CA PRO C 110 0.51 20.44 -9.66
C PRO C 110 -0.21 19.86 -8.45
N PHE C 111 -1.29 20.55 -7.98
CA PHE C 111 -2.14 20.17 -6.85
C PHE C 111 -3.15 19.11 -7.26
N VAL C 112 -3.46 19.01 -8.57
CA VAL C 112 -4.41 17.99 -9.04
C VAL C 112 -3.71 16.61 -8.95
N TYR C 113 -2.47 16.53 -9.45
CA TYR C 113 -1.70 15.30 -9.42
C TYR C 113 -1.38 14.95 -8.00
N LEU C 114 -1.04 15.95 -7.19
CA LEU C 114 -0.74 15.77 -5.78
C LEU C 114 -1.97 15.13 -5.07
N LEU C 115 -3.20 15.56 -5.42
CA LEU C 115 -4.44 15.00 -4.86
C LEU C 115 -4.69 13.58 -5.43
N LEU C 116 -4.24 13.33 -6.67
CA LEU C 116 -4.39 12.03 -7.32
C LEU C 116 -3.35 11.02 -6.80
N ASP C 117 -2.08 11.47 -6.58
CA ASP C 117 -0.96 10.69 -6.03
C ASP C 117 -1.37 10.11 -4.67
N ALA C 118 -2.11 10.91 -3.91
CA ALA C 118 -2.63 10.59 -2.59
C ALA C 118 -3.77 9.58 -2.72
N GLY C 119 -4.46 9.60 -3.85
CA GLY C 119 -5.62 8.76 -4.09
C GLY C 119 -6.82 9.34 -3.36
N ILE C 120 -8.00 9.24 -3.97
CA ILE C 120 -9.23 9.77 -3.38
C ILE C 120 -9.90 8.64 -2.63
N ASP C 121 -10.52 8.95 -1.49
CA ASP C 121 -11.21 7.97 -0.66
C ASP C 121 -12.60 8.49 -0.40
N GLU C 122 -13.61 7.68 -0.68
CA GLU C 122 -15.00 8.05 -0.43
C GLU C 122 -15.37 7.67 0.98
N LEU C 123 -15.93 8.60 1.73
CA LEU C 123 -16.32 8.38 3.12
C LEU C 123 -17.73 7.79 3.15
N ASN C 124 -18.29 7.51 4.34
CA ASN C 124 -19.61 6.90 4.48
C ASN C 124 -20.73 7.91 4.73
N SER C 125 -20.57 9.16 4.22
CA SER C 125 -21.56 10.24 4.36
C SER C 125 -21.83 10.96 3.03
N ALA C 126 -23.05 11.51 2.88
CA ALA C 126 -23.50 12.22 1.67
C ALA C 126 -22.82 13.58 1.51
N LYS C 127 -22.38 13.83 0.26
CA LYS C 127 -21.73 15.05 -0.20
C LYS C 127 -22.79 16.14 -0.32
N LYS C 128 -22.63 17.25 0.43
CA LYS C 128 -23.54 18.40 0.40
C LYS C 128 -23.06 19.33 -0.73
N PHE C 129 -24.00 19.73 -1.58
CA PHE C 129 -23.76 20.66 -2.68
C PHE C 129 -24.57 21.91 -2.44
N VAL C 130 -23.98 23.11 -2.63
CA VAL C 130 -24.72 24.35 -2.47
C VAL C 130 -25.47 24.56 -3.79
N ARG C 131 -26.81 24.54 -3.73
CA ARG C 131 -27.63 24.72 -4.92
C ARG C 131 -28.20 26.14 -4.94
N ILE C 132 -28.10 26.78 -6.11
CA ILE C 132 -28.60 28.13 -6.37
C ILE C 132 -30.05 27.98 -6.84
N LYS C 133 -30.99 28.62 -6.10
CA LYS C 133 -32.44 28.60 -6.36
C LYS C 133 -33.06 29.94 -6.88
N GLU C 134 -32.36 31.08 -6.65
CA GLU C 134 -32.74 32.43 -7.09
C GLU C 134 -31.59 33.03 -7.92
N THR C 135 -31.78 34.25 -8.44
CA THR C 135 -30.75 34.91 -9.23
C THR C 135 -30.04 35.96 -8.38
N VAL C 136 -28.68 35.98 -8.42
CA VAL C 136 -27.84 36.92 -7.66
C VAL C 136 -26.77 37.54 -8.59
N ARG C 137 -26.43 38.82 -8.38
CA ARG C 137 -25.43 39.54 -9.16
C ARG C 137 -24.76 40.61 -8.32
N VAL C 138 -23.48 40.88 -8.62
CA VAL C 138 -22.64 41.88 -7.95
C VAL C 138 -21.95 42.76 -8.99
N GLU C 139 -21.66 44.03 -8.66
CA GLU C 139 -21.02 44.94 -9.60
C GLU C 139 -19.98 45.85 -8.97
N ASP C 140 -18.94 46.17 -9.75
CA ASP C 140 -17.85 47.09 -9.39
C ASP C 140 -17.65 47.99 -10.64
N GLY C 141 -18.70 48.75 -10.94
CA GLY C 141 -18.74 49.61 -12.11
C GLY C 141 -19.09 48.79 -13.33
N ASP C 142 -18.14 48.73 -14.30
CA ASP C 142 -18.26 47.97 -15.56
C ASP C 142 -18.15 46.46 -15.32
N LYS C 143 -17.30 46.05 -14.33
CA LYS C 143 -17.04 44.66 -13.90
C LYS C 143 -18.27 44.07 -13.22
N TRP C 144 -18.66 42.86 -13.62
CA TRP C 144 -19.81 42.17 -13.03
C TRP C 144 -19.66 40.64 -12.94
N ALA C 145 -20.26 40.04 -11.90
CA ALA C 145 -20.24 38.59 -11.65
C ALA C 145 -21.65 38.14 -11.26
N GLU C 146 -22.11 37.00 -11.83
CA GLU C 146 -23.46 36.50 -11.54
C GLU C 146 -23.58 34.98 -11.48
N PHE C 147 -24.58 34.53 -10.71
CA PHE C 147 -24.96 33.13 -10.54
C PHE C 147 -26.45 33.02 -10.83
N LYS C 148 -26.82 32.12 -11.73
CA LYS C 148 -28.21 31.90 -12.12
C LYS C 148 -28.59 30.43 -11.91
N PRO C 149 -29.83 30.12 -11.42
CA PRO C 149 -30.22 28.71 -11.21
C PRO C 149 -29.96 27.83 -12.43
N TYR C 150 -29.41 26.63 -12.20
CA TYR C 150 -29.02 25.62 -13.20
C TYR C 150 -28.73 24.27 -12.52
N ASN C 151 -29.08 23.14 -13.18
CA ASN C 151 -28.82 21.78 -12.72
C ASN C 151 -27.49 21.32 -13.34
N GLY C 152 -26.41 21.62 -12.63
CA GLY C 152 -25.04 21.32 -13.02
C GLY C 152 -24.13 22.51 -12.77
N PHE C 153 -22.94 22.47 -13.35
CA PHE C 153 -22.01 23.59 -13.18
C PHE C 153 -21.40 24.01 -14.48
N SER C 154 -21.56 25.30 -14.80
CA SER C 154 -21.05 25.94 -16.00
C SER C 154 -20.56 27.32 -15.65
N LEU C 155 -19.42 27.69 -16.22
CA LEU C 155 -18.82 29.00 -16.02
C LEU C 155 -18.66 29.69 -17.36
N ASP C 156 -19.08 30.97 -17.43
CA ASP C 156 -19.01 31.84 -18.60
C ASP C 156 -18.17 33.04 -18.21
N PHE C 157 -16.88 33.03 -18.57
CA PHE C 157 -15.99 34.13 -18.22
C PHE C 157 -15.59 34.97 -19.43
N THR C 158 -15.55 36.31 -19.24
CA THR C 158 -15.18 37.30 -20.24
C THR C 158 -14.16 38.30 -19.65
N ILE C 159 -13.00 38.43 -20.32
CA ILE C 159 -11.92 39.36 -19.95
C ILE C 159 -11.87 40.51 -20.98
N ASP C 160 -11.58 41.73 -20.53
CA ASP C 160 -11.50 42.89 -21.41
C ASP C 160 -10.18 43.58 -21.19
N PHE C 161 -9.15 43.04 -21.84
CA PHE C 161 -7.82 43.61 -21.74
C PHE C 161 -7.47 44.42 -22.96
N ASN C 162 -6.85 45.56 -22.71
CA ASN C 162 -6.42 46.46 -23.75
C ASN C 162 -4.90 46.37 -23.76
N HIS C 163 -4.44 45.17 -24.19
CA HIS C 163 -3.04 44.75 -24.31
C HIS C 163 -2.85 44.02 -25.65
N PRO C 164 -1.71 44.27 -26.35
CA PRO C 164 -1.47 43.61 -27.64
C PRO C 164 -1.31 42.08 -27.56
N ALA C 165 -0.61 41.58 -26.51
CA ALA C 165 -0.39 40.14 -26.31
C ALA C 165 -1.70 39.39 -25.99
N ILE C 166 -2.63 40.05 -25.29
CA ILE C 166 -3.95 39.49 -24.95
C ILE C 166 -4.92 39.79 -26.11
N ASP C 167 -5.04 38.83 -27.04
CA ASP C 167 -5.92 38.94 -28.21
C ASP C 167 -7.37 38.69 -27.80
N SER C 169 -11.07 37.35 -29.75
CA SER C 169 -11.56 35.97 -29.86
C SER C 169 -11.13 35.08 -28.68
N ASN C 170 -9.88 35.28 -28.20
CA ASN C 170 -9.30 34.55 -27.08
C ASN C 170 -9.54 35.26 -25.74
N GLN C 171 -10.69 35.96 -25.61
CA GLN C 171 -11.04 36.69 -24.39
C GLN C 171 -12.36 36.26 -23.73
N ARG C 172 -12.97 35.18 -24.24
CA ARG C 172 -14.20 34.64 -23.68
C ARG C 172 -14.14 33.11 -23.65
N TYR C 173 -14.57 32.51 -22.53
CA TYR C 173 -14.59 31.07 -22.31
C TYR C 173 -15.87 30.58 -21.64
N ALA C 174 -16.30 29.38 -22.05
CA ALA C 174 -17.48 28.68 -21.53
C ALA C 174 -17.26 27.17 -21.59
N MET C 175 -17.73 26.45 -20.56
CA MET C 175 -17.61 24.99 -20.44
C MET C 175 -18.57 24.42 -19.40
N ASN C 176 -19.02 23.17 -19.64
CA ASN C 176 -19.90 22.43 -18.74
C ASN C 176 -19.02 21.60 -17.79
N PHE C 177 -18.43 22.33 -16.81
CA PHE C 177 -17.51 21.88 -15.77
C PHE C 177 -17.70 20.45 -15.27
N SER C 178 -16.62 19.67 -15.31
CA SER C 178 -16.58 18.29 -14.85
C SER C 178 -15.16 17.97 -14.43
N ALA C 179 -14.96 16.90 -13.64
CA ALA C 179 -13.63 16.48 -13.18
C ALA C 179 -12.66 16.33 -14.37
N ASP C 180 -13.11 15.67 -15.45
CA ASP C 180 -12.29 15.48 -16.66
C ASP C 180 -12.10 16.81 -17.39
N ALA C 181 -13.21 17.58 -17.58
CA ALA C 181 -13.24 18.88 -18.25
C ALA C 181 -12.22 19.83 -17.64
N PHE C 182 -12.32 20.05 -16.30
CA PHE C 182 -11.42 20.90 -15.50
C PHE C 182 -9.96 20.50 -15.73
N MET C 183 -9.66 19.19 -15.59
CA MET C 183 -8.32 18.62 -15.73
C MET C 183 -7.64 18.84 -17.08
N ARG C 184 -8.37 18.56 -18.18
CA ARG C 184 -7.88 18.71 -19.56
C ARG C 184 -7.77 20.18 -20.02
N GLN C 185 -8.81 20.98 -19.71
CA GLN C 185 -8.91 22.38 -20.13
C GLN C 185 -8.37 23.47 -19.15
N ILE C 186 -9.04 23.64 -18.00
CA ILE C 186 -8.72 24.69 -17.02
C ILE C 186 -7.47 24.54 -16.12
N SER C 187 -7.29 23.39 -15.44
CA SER C 187 -6.19 23.14 -14.49
C SER C 187 -4.80 23.65 -14.82
N ARG C 188 -4.37 23.53 -16.09
CA ARG C 188 -3.03 23.93 -16.54
C ARG C 188 -2.83 25.42 -16.79
N ALA C 189 -3.92 26.23 -16.80
CA ALA C 189 -3.84 27.68 -17.04
C ALA C 189 -3.11 28.43 -15.91
N ARG C 190 -1.93 28.96 -16.23
CA ARG C 190 -1.08 29.66 -15.28
C ARG C 190 -1.51 31.10 -14.98
N THR C 191 -0.97 31.61 -13.86
CA THR C 191 -1.17 32.98 -13.41
C THR C 191 -0.39 33.90 -14.34
N PHE C 192 -0.84 35.14 -14.46
CA PHE C 192 -0.21 36.12 -15.32
C PHE C 192 -0.05 37.48 -14.66
N GLY C 193 1.03 38.14 -15.02
CA GLY C 193 1.36 39.45 -14.49
C GLY C 193 2.13 40.29 -15.47
N PHE C 194 1.77 41.59 -15.49
CA PHE C 194 2.37 42.62 -16.33
C PHE C 194 3.67 43.05 -15.68
N MET C 195 4.78 42.94 -16.42
CA MET C 195 6.14 43.27 -15.99
C MET C 195 6.26 44.54 -15.10
N ARG C 196 5.50 45.61 -15.45
CA ARG C 196 5.47 46.89 -14.71
C ARG C 196 5.14 46.67 -13.21
N ASP C 197 4.04 45.93 -12.92
CA ASP C 197 3.55 45.59 -11.57
C ASP C 197 4.60 44.76 -10.77
N ILE C 198 5.16 43.71 -11.41
CA ILE C 198 6.15 42.81 -10.82
C ILE C 198 7.37 43.53 -10.33
N GLU C 199 7.86 44.53 -11.09
CA GLU C 199 9.04 45.31 -10.68
C GLU C 199 8.67 46.14 -9.45
N TYR C 200 7.49 46.80 -9.49
CA TYR C 200 6.92 47.62 -8.42
C TYR C 200 6.77 46.77 -7.17
N LEU C 201 6.08 45.62 -7.26
CA LEU C 201 5.89 44.76 -6.09
C LEU C 201 7.21 44.28 -5.51
N GLN C 202 8.16 43.85 -6.37
CA GLN C 202 9.50 43.39 -5.93
C GLN C 202 10.34 44.43 -5.21
N SER C 203 10.21 45.74 -5.59
CA SER C 203 10.95 46.82 -4.91
C SER C 203 10.38 47.09 -3.53
N ARG C 204 9.09 46.77 -3.32
CA ARG C 204 8.40 46.96 -2.04
C ARG C 204 8.37 45.71 -1.13
N GLY C 205 8.92 44.59 -1.64
CA GLY C 205 9.03 43.32 -0.92
C GLY C 205 7.99 42.25 -1.20
N LEU C 206 7.26 42.37 -2.33
CA LEU C 206 6.24 41.40 -2.72
C LEU C 206 6.65 40.70 -4.01
N CYS C 207 5.92 39.65 -4.44
CA CYS C 207 6.21 38.83 -5.65
C CYS C 207 7.67 38.36 -5.76
N LEU C 208 8.33 38.21 -4.58
CA LEU C 208 9.72 37.79 -4.42
C LEU C 208 10.00 36.36 -4.88
N GLY C 209 8.98 35.50 -4.77
CA GLY C 209 9.08 34.10 -5.19
C GLY C 209 8.58 33.85 -6.58
N GLY C 210 8.28 34.93 -7.30
CA GLY C 210 7.81 34.87 -8.67
C GLY C 210 8.95 34.86 -9.68
N SER C 211 8.75 34.11 -10.78
CA SER C 211 9.69 33.96 -11.89
C SER C 211 8.90 33.51 -13.13
N PHE C 212 9.60 33.20 -14.23
CA PHE C 212 8.99 32.73 -15.46
C PHE C 212 8.54 31.28 -15.26
N ASP C 213 9.23 30.57 -14.33
CA ASP C 213 8.96 29.18 -13.97
C ASP C 213 7.63 29.00 -13.21
N CYS C 214 6.95 30.11 -12.85
CA CYS C 214 5.69 30.05 -12.13
C CYS C 214 4.63 31.05 -12.61
N ALA C 215 4.88 31.82 -13.69
CA ALA C 215 3.89 32.79 -14.20
C ALA C 215 4.05 33.19 -15.66
N ILE C 216 2.97 33.77 -16.25
CA ILE C 216 2.98 34.31 -17.61
C ILE C 216 3.39 35.75 -17.40
N VAL C 217 4.58 36.09 -17.87
CA VAL C 217 5.18 37.43 -17.78
C VAL C 217 4.98 38.14 -19.13
N VAL C 218 4.25 39.26 -19.11
CA VAL C 218 4.01 40.03 -20.33
C VAL C 218 4.59 41.43 -20.22
N ASP C 219 5.13 41.97 -21.33
CA ASP C 219 5.64 43.36 -21.33
C ASP C 219 4.49 44.27 -21.82
N ASP C 220 4.79 45.37 -22.53
CA ASP C 220 3.71 46.24 -22.99
C ASP C 220 3.08 45.73 -24.28
N TYR C 221 3.74 44.74 -24.93
CA TYR C 221 3.33 44.21 -26.23
C TYR C 221 3.26 42.67 -26.39
N ARG C 222 4.28 41.93 -25.91
CA ARG C 222 4.39 40.47 -26.05
C ARG C 222 4.44 39.63 -24.75
N VAL C 223 4.29 38.30 -24.91
CA VAL C 223 4.40 37.33 -23.81
C VAL C 223 5.91 37.06 -23.75
N LEU C 224 6.58 37.42 -22.64
CA LEU C 224 8.02 37.25 -22.48
C LEU C 224 8.50 35.80 -22.23
N ASN C 225 7.58 34.84 -22.02
CA ASN C 225 7.92 33.44 -21.77
C ASN C 225 8.41 32.77 -23.06
N GLU C 226 9.63 32.16 -23.00
CA GLU C 226 10.29 31.45 -24.11
C GLU C 226 9.35 30.50 -24.84
N ASP C 227 8.73 29.58 -24.06
CA ASP C 227 7.78 28.56 -24.53
C ASP C 227 6.38 29.09 -24.85
N GLY C 228 6.14 30.34 -24.46
CA GLY C 228 4.86 31.01 -24.67
C GLY C 228 3.74 30.52 -23.80
N LEU C 229 2.55 30.43 -24.38
CA LEU C 229 1.34 30.01 -23.70
C LEU C 229 0.99 28.55 -23.96
N ARG C 230 0.42 27.87 -22.95
CA ARG C 230 -0.02 26.47 -22.99
C ARG C 230 -1.32 26.32 -23.81
N PHE C 231 -2.10 27.41 -23.91
CA PHE C 231 -3.35 27.50 -24.66
C PHE C 231 -3.33 28.85 -25.32
N GLU C 232 -3.97 28.99 -26.50
CA GLU C 232 -4.03 30.28 -27.17
C GLU C 232 -4.70 31.31 -26.24
N ASP C 233 -5.81 30.88 -25.58
CA ASP C 233 -6.62 31.64 -24.64
C ASP C 233 -6.36 31.25 -23.17
N GLU C 234 -5.07 31.11 -22.79
CA GLU C 234 -4.63 30.75 -21.44
C GLU C 234 -5.12 31.76 -20.39
N PHE C 235 -5.09 33.07 -20.73
CA PHE C 235 -5.52 34.18 -19.88
C PHE C 235 -6.92 33.99 -19.34
N VAL C 236 -7.92 33.83 -20.24
CA VAL C 236 -9.31 33.65 -19.85
C VAL C 236 -9.54 32.32 -19.06
N ARG C 237 -8.78 31.24 -19.39
CA ARG C 237 -8.91 29.94 -18.73
C ARG C 237 -8.50 30.06 -17.25
N HIS C 238 -7.41 30.83 -16.98
CA HIS C 238 -6.89 31.09 -15.63
C HIS C 238 -7.83 31.92 -14.80
N LYS C 239 -8.54 32.87 -15.41
CA LYS C 239 -9.49 33.70 -14.67
C LYS C 239 -10.67 32.84 -14.20
N MET C 240 -10.99 31.79 -14.98
CA MET C 240 -12.01 30.80 -14.64
C MET C 240 -11.40 29.88 -13.59
N LEU C 241 -10.08 29.58 -13.70
CA LEU C 241 -9.40 28.73 -12.70
C LEU C 241 -9.56 29.45 -11.34
N ASP C 242 -9.22 30.78 -11.30
CA ASP C 242 -9.34 31.64 -10.12
C ASP C 242 -10.77 31.70 -9.64
N ALA C 243 -11.77 31.66 -10.54
CA ALA C 243 -13.20 31.70 -10.20
C ALA C 243 -13.59 30.40 -9.49
N ILE C 244 -13.17 29.24 -10.04
CA ILE C 244 -13.42 27.89 -9.47
C ILE C 244 -12.82 27.86 -8.03
N GLY C 245 -11.58 28.30 -7.91
CA GLY C 245 -10.85 28.37 -6.65
C GLY C 245 -11.38 29.35 -5.62
N ASP C 246 -11.84 30.53 -6.05
CA ASP C 246 -12.41 31.54 -5.14
C ASP C 246 -13.77 31.11 -4.64
N LEU C 247 -14.58 30.51 -5.53
CA LEU C 247 -15.93 30.03 -5.20
C LEU C 247 -15.92 28.82 -4.26
N PHE C 248 -14.80 28.08 -4.18
CA PHE C 248 -14.70 26.91 -3.29
C PHE C 248 -14.39 27.33 -1.84
N MET C 249 -14.43 28.65 -1.56
CA MET C 249 -14.19 29.18 -0.24
C MET C 249 -15.32 28.84 0.74
N CYS C 250 -16.49 28.43 0.22
CA CYS C 250 -17.64 28.01 1.04
C CYS C 250 -17.41 26.54 1.50
N GLY C 251 -16.53 25.84 0.77
CA GLY C 251 -16.12 24.46 1.00
C GLY C 251 -17.04 23.40 0.45
N HIS C 252 -17.91 23.76 -0.52
CA HIS C 252 -18.87 22.84 -1.14
C HIS C 252 -18.96 23.10 -2.63
N ASN C 253 -19.28 22.08 -3.43
CA ASN C 253 -19.40 22.30 -4.88
C ASN C 253 -20.72 22.99 -5.13
N ILE C 254 -20.70 24.01 -5.99
CA ILE C 254 -21.90 24.78 -6.31
C ILE C 254 -22.66 24.18 -7.52
N ILE C 255 -24.00 24.21 -7.44
CA ILE C 255 -24.90 23.78 -8.51
C ILE C 255 -25.59 25.08 -9.03
N GLY C 256 -25.02 25.62 -10.10
CA GLY C 256 -25.50 26.85 -10.72
C GLY C 256 -24.77 27.26 -11.99
N ALA C 257 -25.24 28.34 -12.62
CA ALA C 257 -24.65 28.89 -13.84
C ALA C 257 -23.90 30.18 -13.51
N PHE C 258 -22.57 30.12 -13.65
CA PHE C 258 -21.72 31.27 -13.38
C PHE C 258 -21.39 32.01 -14.66
N THR C 259 -21.61 33.33 -14.63
CA THR C 259 -21.34 34.23 -15.75
C THR C 259 -20.57 35.38 -15.15
N ALA C 260 -19.44 35.76 -15.79
CA ALA C 260 -18.58 36.84 -15.31
C ALA C 260 -17.92 37.70 -16.37
N TYR C 261 -17.90 39.02 -16.11
CA TYR C 261 -17.26 40.02 -16.95
C TYR C 261 -16.28 40.81 -16.10
N LYS C 262 -14.99 40.75 -16.47
CA LYS C 262 -13.88 41.46 -15.80
C LYS C 262 -13.68 41.14 -14.30
N SER C 263 -14.28 40.02 -13.83
CA SER C 263 -14.21 39.55 -12.44
C SER C 263 -12.76 39.29 -11.93
N GLY C 264 -12.62 39.27 -10.61
CA GLY C 264 -11.36 39.04 -9.92
C GLY C 264 -11.59 38.38 -8.57
N HIS C 265 -10.53 38.32 -7.74
CA HIS C 265 -10.61 37.70 -6.39
C HIS C 265 -11.62 38.41 -5.47
N ALA C 266 -11.64 39.75 -5.54
CA ALA C 266 -12.54 40.60 -4.77
C ALA C 266 -14.00 40.41 -5.21
N LEU C 267 -14.27 40.43 -6.54
CA LEU C 267 -15.62 40.30 -7.09
C LEU C 267 -16.20 38.93 -6.95
N ASN C 268 -15.31 37.89 -7.04
CA ASN C 268 -15.68 36.50 -6.88
C ASN C 268 -16.09 36.31 -5.41
N ASN C 269 -15.29 36.87 -4.46
CA ASN C 269 -15.61 36.79 -3.03
C ASN C 269 -16.91 37.53 -2.75
N LYS C 270 -17.08 38.73 -3.37
CA LYS C 270 -18.26 39.60 -3.25
C LYS C 270 -19.49 38.80 -3.67
N LEU C 271 -19.44 38.13 -4.84
CA LEU C 271 -20.54 37.30 -5.35
C LEU C 271 -20.87 36.19 -4.37
N LEU C 272 -19.84 35.41 -3.94
CA LEU C 272 -19.96 34.29 -3.00
C LEU C 272 -20.67 34.72 -1.72
N GLN C 273 -20.11 35.75 -1.03
CA GLN C 273 -20.63 36.31 0.21
C GLN C 273 -22.07 36.82 0.04
N ALA C 274 -22.37 37.43 -1.13
CA ALA C 274 -23.69 37.96 -1.48
C ALA C 274 -24.67 36.83 -1.74
N VAL C 275 -24.23 35.77 -2.45
CA VAL C 275 -25.06 34.58 -2.75
C VAL C 275 -25.50 33.95 -1.40
N LEU C 276 -24.51 33.75 -0.50
CA LEU C 276 -24.76 33.14 0.80
C LEU C 276 -25.55 33.97 1.83
N ALA C 277 -25.46 35.32 1.77
CA ALA C 277 -26.19 36.22 2.70
C ALA C 277 -27.72 36.18 2.43
N LYS C 278 -28.10 36.02 1.15
CA LYS C 278 -29.47 35.94 0.64
C LYS C 278 -29.96 34.51 0.89
N GLN C 279 -30.52 34.28 2.10
CA GLN C 279 -31.04 33.01 2.61
C GLN C 279 -31.86 32.17 1.60
N GLU C 280 -32.76 32.82 0.83
CA GLU C 280 -33.60 32.12 -0.15
C GLU C 280 -32.99 31.95 -1.56
N ALA C 281 -31.72 32.34 -1.72
CA ALA C 281 -31.05 32.21 -3.00
C ALA C 281 -30.28 30.90 -3.09
N TRP C 282 -29.94 30.30 -1.94
CA TRP C 282 -29.17 29.06 -1.88
C TRP C 282 -29.71 28.05 -0.84
N GLU C 283 -29.36 26.76 -1.03
CA GLU C 283 -29.72 25.64 -0.16
C GLU C 283 -28.77 24.45 -0.37
N TYR C 284 -28.67 23.59 0.65
CA TYR C 284 -27.84 22.37 0.61
C TYR C 284 -28.64 21.23 -0.02
N VAL C 285 -28.02 20.47 -0.94
CA VAL C 285 -28.68 19.33 -1.60
C VAL C 285 -27.81 18.06 -1.65
N THR C 286 -28.39 16.92 -1.25
CA THR C 286 -27.70 15.63 -1.27
C THR C 286 -28.28 14.70 -2.33
N PHE C 287 -27.40 13.97 -3.04
CA PHE C 287 -27.81 13.04 -4.10
C PHE C 287 -27.71 11.55 -3.72
N GLN C 288 -28.62 11.12 -2.82
CA GLN C 288 -28.78 9.75 -2.31
C GLN C 288 -28.89 8.75 -3.47
N ASP C 289 -29.56 9.16 -4.55
CA ASP C 289 -29.72 8.36 -5.76
C ASP C 289 -28.61 8.83 -6.69
N ASP C 290 -27.64 7.95 -6.99
CA ASP C 290 -26.47 8.20 -7.83
C ASP C 290 -26.77 8.84 -9.20
N ALA C 291 -27.87 8.43 -9.87
CA ALA C 291 -28.30 8.94 -11.18
C ALA C 291 -28.78 10.40 -11.10
N GLU C 292 -29.58 10.73 -10.05
CA GLU C 292 -30.17 12.06 -9.75
C GLU C 292 -29.18 13.24 -9.77
N LEU C 293 -27.86 12.96 -9.59
CA LEU C 293 -26.78 13.93 -9.59
C LEU C 293 -26.53 14.42 -11.03
N PRO C 294 -26.22 15.71 -11.30
CA PRO C 294 -25.95 16.12 -12.70
C PRO C 294 -24.71 15.46 -13.30
N LEU C 295 -24.62 15.45 -14.65
CA LEU C 295 -23.51 14.85 -15.42
C LEU C 295 -22.13 15.45 -15.05
N ALA C 296 -22.15 16.70 -14.60
CA ALA C 296 -21.02 17.53 -14.21
C ALA C 296 -20.14 17.01 -13.04
N PHE C 297 -20.76 16.62 -11.91
CA PHE C 297 -20.04 16.20 -10.71
C PHE C 297 -19.56 14.74 -10.62
N LYS C 298 -19.59 14.00 -11.75
CA LYS C 298 -19.16 12.60 -11.84
C LYS C 298 -17.69 12.35 -11.46
N ALA C 299 -17.34 11.07 -11.21
CA ALA C 299 -16.01 10.58 -10.83
C ALA C 299 -14.93 10.88 -11.91
N PRO C 300 -13.64 11.13 -11.52
CA PRO C 300 -12.61 11.41 -12.54
C PRO C 300 -12.10 10.15 -13.25
N GLN D 4 -2.80 5.92 -37.40
CA GLN D 4 -1.59 6.65 -37.06
C GLN D 4 -1.91 8.00 -36.41
N ARG D 5 -1.22 8.31 -35.28
CA ARG D 5 -1.40 9.55 -34.50
C ARG D 5 -0.21 10.52 -34.56
N THR D 6 -0.51 11.83 -34.70
CA THR D 6 0.47 12.94 -34.74
C THR D 6 0.04 14.06 -33.76
N LEU D 7 0.54 15.30 -33.97
CA LEU D 7 0.19 16.45 -33.13
C LEU D 7 -0.67 17.44 -33.91
N LYS D 8 -1.43 18.28 -33.18
CA LYS D 8 -2.28 19.29 -33.81
C LYS D 8 -1.46 20.54 -34.09
N ARG D 9 -0.63 20.96 -33.10
CA ARG D 9 0.24 22.14 -33.20
C ARG D 9 1.65 21.89 -32.65
N ILE D 10 2.64 22.71 -33.09
CA ILE D 10 4.04 22.61 -32.64
C ILE D 10 4.09 23.19 -31.21
N VAL D 11 4.69 22.45 -30.27
CA VAL D 11 4.83 22.94 -28.89
C VAL D 11 6.28 23.01 -28.42
N GLN D 12 6.56 23.94 -27.51
CA GLN D 12 7.89 24.19 -26.95
C GLN D 12 7.95 23.83 -25.47
N ALA D 13 9.17 23.59 -24.97
CA ALA D 13 9.47 23.27 -23.59
C ALA D 13 10.96 23.51 -23.36
N THR D 14 11.29 24.42 -22.43
CA THR D 14 12.69 24.74 -22.10
C THR D 14 13.04 24.22 -20.73
N GLY D 15 14.11 23.46 -20.68
CA GLY D 15 14.64 22.88 -19.45
C GLY D 15 16.12 22.59 -19.58
N VAL D 16 16.72 22.07 -18.53
CA VAL D 16 18.15 21.74 -18.54
C VAL D 16 18.37 20.26 -18.87
N GLY D 17 19.51 19.96 -19.46
CA GLY D 17 19.90 18.60 -19.79
C GLY D 17 20.48 18.00 -18.53
N LEU D 18 20.11 16.75 -18.18
CA LEU D 18 20.62 16.12 -16.94
C LEU D 18 22.14 16.13 -16.79
N HIS D 19 22.88 15.79 -17.85
CA HIS D 19 24.34 15.74 -17.76
C HIS D 19 25.08 17.02 -18.18
N THR D 20 24.66 17.65 -19.30
CA THR D 20 25.25 18.90 -19.82
C THR D 20 25.00 20.08 -18.87
N GLY D 21 23.81 20.13 -18.28
CA GLY D 21 23.42 21.20 -17.38
C GLY D 21 23.09 22.48 -18.12
N LYS D 22 23.09 22.41 -19.45
CA LYS D 22 22.84 23.53 -20.35
C LYS D 22 21.38 23.55 -20.79
N LYS D 23 20.82 24.75 -20.96
CA LYS D 23 19.44 25.01 -21.38
C LYS D 23 19.10 24.36 -22.72
N VAL D 24 18.15 23.42 -22.72
CA VAL D 24 17.69 22.75 -23.92
C VAL D 24 16.28 23.17 -24.23
N THR D 25 16.02 23.50 -25.49
CA THR D 25 14.68 23.86 -25.93
C THR D 25 14.14 22.69 -26.74
N LEU D 26 13.16 21.99 -26.15
CA LEU D 26 12.51 20.86 -26.82
C LEU D 26 11.39 21.44 -27.65
N THR D 27 11.31 21.01 -28.90
CA THR D 27 10.29 21.44 -29.86
C THR D 27 9.75 20.14 -30.48
N LEU D 28 8.44 19.91 -30.36
CA LEU D 28 7.80 18.72 -30.93
C LEU D 28 6.99 19.20 -32.14
N ARG D 29 7.41 18.80 -33.36
CA ARG D 29 6.73 19.28 -34.57
C ARG D 29 5.84 18.24 -35.25
N PRO D 30 4.54 18.55 -35.47
CA PRO D 30 3.65 17.59 -36.13
C PRO D 30 4.16 17.16 -37.50
N ALA D 31 4.03 15.87 -37.82
CA ALA D 31 4.49 15.32 -39.10
C ALA D 31 3.39 14.50 -39.79
N PRO D 32 3.36 14.44 -41.14
CA PRO D 32 2.32 13.65 -41.82
C PRO D 32 2.48 12.14 -41.64
N ALA D 33 1.48 11.35 -42.09
CA ALA D 33 1.48 9.89 -41.98
C ALA D 33 2.65 9.21 -42.70
N ASN D 34 3.02 8.01 -42.21
CA ASN D 34 4.11 7.16 -42.71
C ASN D 34 5.47 7.88 -42.82
N THR D 35 5.79 8.70 -41.79
CA THR D 35 7.05 9.45 -41.68
C THR D 35 7.88 8.88 -40.51
N GLY D 36 7.19 8.61 -39.40
CA GLY D 36 7.80 8.02 -38.20
C GLY D 36 8.29 9.01 -37.17
N VAL D 37 8.97 8.46 -36.15
CA VAL D 37 9.57 9.19 -35.03
C VAL D 37 11.01 9.59 -35.46
N ILE D 38 11.26 10.91 -35.60
CA ILE D 38 12.58 11.43 -35.98
C ILE D 38 13.09 12.40 -34.89
N TYR D 39 14.36 12.23 -34.48
CA TYR D 39 14.99 13.09 -33.49
C TYR D 39 15.97 13.96 -34.25
N ARG D 40 15.75 15.28 -34.22
CA ARG D 40 16.56 16.24 -34.94
C ARG D 40 17.33 17.21 -34.06
N ARG D 41 18.63 17.39 -34.37
CA ARG D 41 19.46 18.35 -33.64
C ARG D 41 19.52 19.65 -34.42
N THR D 42 18.77 20.64 -33.94
CA THR D 42 18.65 21.96 -34.56
C THR D 42 19.72 22.95 -34.08
N ASP D 43 20.76 22.46 -33.40
CA ASP D 43 21.86 23.30 -32.92
C ASP D 43 23.06 23.21 -33.85
N LEU D 44 22.96 22.34 -34.85
CA LEU D 44 23.99 22.10 -35.85
C LEU D 44 23.50 22.56 -37.23
N ASN D 45 24.46 22.91 -38.10
CA ASN D 45 24.21 23.38 -39.47
C ASN D 45 25.08 22.58 -40.45
N PRO D 46 24.46 21.69 -41.26
CA PRO D 46 23.02 21.36 -41.35
C PRO D 46 22.50 20.56 -40.12
N PRO D 47 21.15 20.45 -39.90
CA PRO D 47 20.67 19.69 -38.73
C PRO D 47 20.84 18.18 -38.92
N VAL D 48 21.11 17.47 -37.79
CA VAL D 48 21.31 16.01 -37.82
C VAL D 48 20.06 15.23 -37.40
N ASP D 49 19.57 14.37 -38.27
CA ASP D 49 18.39 13.54 -38.02
C ASP D 49 18.73 12.14 -37.52
N PHE D 50 17.83 11.55 -36.72
CA PHE D 50 17.96 10.23 -36.12
C PHE D 50 16.57 9.58 -36.21
N PRO D 51 16.33 8.64 -37.15
CA PRO D 51 15.00 8.01 -37.19
C PRO D 51 14.88 7.03 -36.03
N ALA D 52 13.66 6.66 -35.65
CA ALA D 52 13.46 5.73 -34.55
C ALA D 52 14.00 4.36 -34.95
N ASP D 53 15.19 4.00 -34.42
CA ASP D 53 15.84 2.73 -34.71
C ASP D 53 16.56 2.19 -33.49
N ALA D 54 16.28 0.91 -33.15
CA ALA D 54 16.87 0.20 -32.01
C ALA D 54 18.41 0.14 -32.10
N LYS D 55 18.96 0.15 -33.33
CA LYS D 55 20.41 0.12 -33.55
C LYS D 55 21.05 1.48 -33.33
N SER D 56 20.26 2.59 -33.31
CA SER D 56 20.78 3.94 -33.07
C SER D 56 21.20 4.12 -31.61
N VAL D 57 20.66 3.26 -30.72
CA VAL D 57 20.97 3.29 -29.30
C VAL D 57 22.34 2.66 -29.15
N ARG D 58 23.38 3.48 -28.90
CA ARG D 58 24.75 2.95 -28.79
C ARG D 58 25.43 3.13 -27.44
N ASP D 59 24.92 4.02 -26.55
CA ASP D 59 25.50 4.23 -25.23
C ASP D 59 24.38 4.12 -24.21
N THR D 60 24.44 3.09 -23.35
CA THR D 60 23.44 2.85 -22.30
C THR D 60 24.09 2.91 -20.91
N MET D 61 25.17 3.68 -20.79
CA MET D 61 25.90 3.85 -19.53
C MET D 61 25.06 4.65 -18.55
N LEU D 62 24.43 5.76 -19.00
CA LEU D 62 23.65 6.59 -18.09
C LEU D 62 22.17 6.71 -18.39
N CYS D 63 21.78 6.43 -19.64
CA CYS D 63 20.40 6.51 -20.15
C CYS D 63 20.43 5.96 -21.57
N THR D 64 19.28 5.96 -22.28
CA THR D 64 19.35 5.52 -23.68
C THR D 64 19.85 6.70 -24.52
N CYS D 65 21.09 6.59 -25.00
CA CYS D 65 21.70 7.64 -25.81
C CYS D 65 21.81 7.19 -27.25
N LEU D 66 21.25 8.01 -28.14
CA LEU D 66 21.30 7.75 -29.57
C LEU D 66 22.57 8.40 -30.10
N VAL D 67 23.40 7.60 -30.77
CA VAL D 67 24.63 8.08 -31.36
C VAL D 67 24.79 7.58 -32.77
N ASN D 68 25.20 8.49 -33.69
CA ASN D 68 25.40 8.12 -35.10
C ASN D 68 26.90 7.92 -35.44
N GLU D 69 27.19 7.48 -36.69
CA GLU D 69 28.55 7.21 -37.21
C GLU D 69 29.56 8.33 -36.93
N HIS D 70 29.10 9.59 -36.98
CA HIS D 70 29.94 10.75 -36.72
C HIS D 70 29.94 11.22 -35.24
N ASP D 71 29.54 10.33 -34.30
CA ASP D 71 29.46 10.60 -32.86
C ASP D 71 28.49 11.76 -32.49
N VAL D 72 27.45 11.95 -33.33
CA VAL D 72 26.45 12.97 -33.03
C VAL D 72 25.54 12.26 -32.02
N ARG D 73 25.30 12.89 -30.86
CA ARG D 73 24.52 12.29 -29.79
C ARG D 73 23.24 12.97 -29.41
N ILE D 74 22.29 12.17 -28.93
CA ILE D 74 21.00 12.62 -28.43
C ILE D 74 20.59 11.70 -27.30
N SER D 75 20.92 12.10 -26.04
CA SER D 75 20.67 11.32 -24.83
C SER D 75 19.38 11.60 -24.08
N THR D 76 19.04 10.68 -23.14
CA THR D 76 17.86 10.69 -22.26
C THR D 76 16.56 10.80 -23.04
N VAL D 77 16.41 9.89 -24.02
CA VAL D 77 15.24 9.83 -24.90
C VAL D 77 14.07 8.96 -24.37
N GLU D 78 14.28 8.18 -23.29
CA GLU D 78 13.29 7.26 -22.71
C GLU D 78 11.98 7.83 -22.15
N HIS D 79 12.03 8.77 -21.21
CA HIS D 79 10.85 9.38 -20.60
C HIS D 79 9.95 10.07 -21.62
N LEU D 80 10.55 10.66 -22.66
CA LEU D 80 9.77 11.29 -23.71
C LEU D 80 9.24 10.17 -24.60
N ASN D 81 10.04 9.11 -24.80
CA ASN D 81 9.62 8.00 -25.63
C ASN D 81 8.46 7.28 -25.01
N ALA D 82 8.49 7.09 -23.66
CA ALA D 82 7.43 6.46 -22.87
C ALA D 82 6.12 7.19 -23.17
N ALA D 83 6.14 8.55 -23.03
CA ALA D 83 5.04 9.48 -23.27
C ALA D 83 4.52 9.34 -24.69
N LEU D 84 5.41 9.10 -25.67
CA LEU D 84 5.00 8.94 -27.05
C LEU D 84 4.15 7.68 -27.17
N ALA D 85 4.66 6.53 -26.63
CA ALA D 85 4.01 5.21 -26.60
C ALA D 85 2.64 5.27 -25.89
N GLY D 86 2.60 5.97 -24.76
CA GLY D 86 1.41 6.19 -23.94
C GLY D 86 0.28 6.83 -24.70
N LEU D 87 0.59 7.74 -25.65
CA LEU D 87 -0.45 8.40 -26.45
C LEU D 87 -0.52 7.88 -27.91
N GLY D 88 0.24 6.80 -28.17
CA GLY D 88 0.31 6.10 -29.45
C GLY D 88 0.72 6.91 -30.66
N ILE D 89 1.56 7.94 -30.45
CA ILE D 89 2.08 8.85 -31.48
C ILE D 89 3.13 8.10 -32.31
N ASP D 90 2.89 7.90 -33.62
CA ASP D 90 3.82 7.19 -34.52
C ASP D 90 4.46 8.13 -35.54
N ASN D 91 3.97 9.39 -35.66
CA ASN D 91 4.49 10.37 -36.63
C ASN D 91 4.84 11.65 -35.90
N ILE D 92 6.15 11.90 -35.70
CA ILE D 92 6.66 13.09 -35.00
C ILE D 92 8.12 13.45 -35.35
N VAL D 93 8.48 14.72 -35.12
CA VAL D 93 9.80 15.29 -35.32
C VAL D 93 10.11 16.01 -34.01
N ILE D 94 10.96 15.38 -33.21
CA ILE D 94 11.40 15.87 -31.90
C ILE D 94 12.70 16.65 -32.16
N GLU D 95 12.70 17.95 -31.80
CA GLU D 95 13.84 18.81 -32.03
C GLU D 95 14.46 19.32 -30.76
N VAL D 96 15.79 19.26 -30.67
CA VAL D 96 16.58 19.74 -29.53
C VAL D 96 17.78 20.57 -30.01
N ASN D 97 18.09 21.65 -29.28
CA ASN D 97 19.21 22.53 -29.56
C ASN D 97 20.38 22.19 -28.62
N ALA D 98 20.52 20.89 -28.24
CA ALA D 98 21.56 20.35 -27.35
C ALA D 98 21.63 18.80 -27.36
N PRO D 99 22.77 18.16 -27.01
CA PRO D 99 22.81 16.68 -27.07
C PRO D 99 21.81 15.86 -26.22
N GLU D 100 20.87 16.50 -25.51
CA GLU D 100 19.91 15.77 -24.68
C GLU D 100 18.56 16.38 -24.47
N ILE D 101 17.54 15.52 -24.34
CA ILE D 101 16.15 15.91 -24.06
C ILE D 101 16.11 16.51 -22.63
N PRO D 102 15.36 17.63 -22.36
CA PRO D 102 15.34 18.19 -20.98
C PRO D 102 14.81 17.22 -19.91
N ILE D 103 15.56 17.09 -18.80
CA ILE D 103 15.24 16.20 -17.69
C ILE D 103 13.88 16.38 -17.02
N MET D 104 13.46 17.65 -16.75
CA MET D 104 12.18 18.03 -16.13
C MET D 104 12.02 17.52 -14.68
N ASP D 105 10.88 16.87 -14.33
CA ASP D 105 10.66 16.30 -12.99
C ASP D 105 11.34 14.94 -12.92
N GLY D 106 11.59 14.36 -14.10
CA GLY D 106 12.24 13.08 -14.30
C GLY D 106 11.25 11.98 -14.59
N SER D 107 10.15 12.34 -15.24
CA SER D 107 9.05 11.44 -15.58
C SER D 107 8.52 11.74 -16.98
N ALA D 108 7.55 10.94 -17.48
CA ALA D 108 6.98 11.20 -18.80
C ALA D 108 5.89 12.27 -18.74
N ALA D 109 5.29 12.48 -17.54
CA ALA D 109 4.18 13.43 -17.31
C ALA D 109 4.36 14.79 -18.00
N PRO D 110 5.48 15.56 -17.80
CA PRO D 110 5.65 16.83 -18.53
C PRO D 110 5.44 16.67 -20.02
N PHE D 111 5.97 15.58 -20.59
CA PHE D 111 5.85 15.28 -22.01
C PHE D 111 4.42 14.84 -22.38
N VAL D 112 3.72 14.07 -21.49
CA VAL D 112 2.33 13.66 -21.78
C VAL D 112 1.43 14.92 -21.80
N TYR D 113 1.58 15.79 -20.78
CA TYR D 113 0.84 17.04 -20.64
C TYR D 113 1.13 17.99 -21.78
N LEU D 114 2.42 18.10 -22.17
CA LEU D 114 2.89 18.93 -23.27
C LEU D 114 2.37 18.36 -24.61
N LEU D 115 2.37 17.00 -24.76
CA LEU D 115 1.87 16.27 -25.96
C LEU D 115 0.39 16.55 -26.10
N LEU D 116 -0.32 16.61 -24.96
CA LEU D 116 -1.74 16.89 -24.88
C LEU D 116 -2.00 18.35 -25.24
N ASP D 117 -1.21 19.29 -24.65
CA ASP D 117 -1.30 20.74 -24.92
C ASP D 117 -1.22 20.99 -26.42
N ALA D 118 -0.47 20.12 -27.14
CA ALA D 118 -0.31 20.15 -28.60
C ALA D 118 -1.54 19.54 -29.24
N GLY D 119 -2.04 18.44 -28.67
CA GLY D 119 -3.22 17.75 -29.15
C GLY D 119 -2.95 16.70 -30.21
N ILE D 120 -3.62 15.54 -30.07
CA ILE D 120 -3.52 14.40 -30.97
C ILE D 120 -4.34 14.65 -32.24
N ASP D 121 -3.84 14.22 -33.41
CA ASP D 121 -4.54 14.40 -34.67
C ASP D 121 -4.38 13.15 -35.53
N GLU D 122 -5.38 12.26 -35.48
CA GLU D 122 -5.41 11.00 -36.23
C GLU D 122 -5.31 11.19 -37.74
N LEU D 123 -4.42 10.43 -38.40
CA LEU D 123 -4.16 10.53 -39.84
C LEU D 123 -4.86 9.47 -40.71
N ASN D 124 -4.93 9.75 -42.03
CA ASN D 124 -5.54 8.94 -43.09
C ASN D 124 -4.80 7.63 -43.47
N SER D 125 -4.18 6.96 -42.48
CA SER D 125 -3.46 5.71 -42.69
C SER D 125 -3.49 4.84 -41.43
N ALA D 126 -3.56 3.52 -41.64
CA ALA D 126 -3.62 2.52 -40.58
C ALA D 126 -2.30 2.38 -39.83
N LYS D 127 -2.40 2.50 -38.50
CA LYS D 127 -1.31 2.39 -37.53
C LYS D 127 -0.69 1.01 -37.62
N LYS D 128 0.65 0.95 -37.72
CA LYS D 128 1.38 -0.31 -37.77
C LYS D 128 1.71 -0.72 -36.33
N PHE D 129 1.89 -2.03 -36.12
CA PHE D 129 2.22 -2.59 -34.82
C PHE D 129 3.24 -3.70 -34.98
N VAL D 130 4.07 -3.91 -33.93
CA VAL D 130 5.09 -4.95 -33.88
C VAL D 130 4.45 -6.09 -33.08
N ARG D 131 3.93 -7.11 -33.80
CA ARG D 131 3.28 -8.27 -33.18
C ARG D 131 4.28 -9.37 -32.86
N ILE D 132 4.39 -9.71 -31.57
CA ILE D 132 5.30 -10.75 -31.07
C ILE D 132 4.67 -12.12 -31.37
N LYS D 133 5.33 -12.93 -32.24
CA LYS D 133 4.84 -14.25 -32.62
C LYS D 133 5.71 -15.45 -32.18
N GLU D 134 6.76 -15.19 -31.37
CA GLU D 134 7.67 -16.19 -30.79
C GLU D 134 8.17 -15.69 -29.43
N THR D 135 8.87 -16.56 -28.67
CA THR D 135 9.44 -16.21 -27.37
C THR D 135 10.91 -15.91 -27.55
N VAL D 136 11.27 -14.67 -27.21
CA VAL D 136 12.63 -14.14 -27.29
C VAL D 136 12.98 -13.75 -25.85
N ARG D 137 14.21 -14.02 -25.39
CA ARG D 137 14.68 -13.71 -24.05
C ARG D 137 16.18 -13.45 -24.02
N VAL D 138 16.58 -12.29 -23.46
CA VAL D 138 17.96 -11.83 -23.29
C VAL D 138 18.32 -11.94 -21.81
N GLU D 139 19.60 -12.15 -21.50
CA GLU D 139 20.07 -12.30 -20.14
C GLU D 139 21.38 -11.57 -19.92
N ASP D 140 21.76 -11.35 -18.66
CA ASP D 140 23.01 -10.72 -18.24
C ASP D 140 23.17 -11.08 -16.77
N GLY D 141 23.80 -12.22 -16.51
CA GLY D 141 23.99 -12.72 -15.16
C GLY D 141 22.63 -13.15 -14.65
N ASP D 142 22.18 -12.54 -13.52
CA ASP D 142 20.86 -12.85 -12.97
C ASP D 142 19.78 -12.03 -13.66
N LYS D 143 20.15 -10.90 -14.26
CA LYS D 143 19.20 -10.03 -14.95
C LYS D 143 18.73 -10.70 -16.21
N TRP D 144 17.45 -10.56 -16.49
CA TRP D 144 16.83 -11.10 -17.68
C TRP D 144 15.62 -10.25 -18.04
N ALA D 145 15.14 -10.41 -19.26
CA ALA D 145 14.00 -9.72 -19.87
C ALA D 145 13.53 -10.63 -20.99
N GLU D 146 12.22 -10.61 -21.29
CA GLU D 146 11.68 -11.46 -22.35
C GLU D 146 10.42 -10.96 -23.02
N PHE D 147 10.17 -11.44 -24.24
CA PHE D 147 8.98 -11.15 -25.02
C PHE D 147 8.32 -12.48 -25.40
N LYS D 148 7.10 -12.72 -24.87
CA LYS D 148 6.31 -13.92 -25.16
C LYS D 148 5.09 -13.49 -26.00
N PRO D 149 4.66 -14.31 -27.00
CA PRO D 149 3.50 -13.91 -27.83
C PRO D 149 2.23 -13.63 -27.01
N TYR D 150 1.42 -12.67 -27.49
CA TYR D 150 0.20 -12.23 -26.82
C TYR D 150 -0.58 -11.30 -27.74
N ASN D 151 -1.93 -11.30 -27.63
CA ASN D 151 -2.81 -10.40 -28.38
C ASN D 151 -3.23 -9.27 -27.42
N GLY D 152 -2.44 -8.21 -27.45
CA GLY D 152 -2.59 -7.02 -26.62
C GLY D 152 -1.23 -6.56 -26.13
N PHE D 153 -1.21 -5.73 -25.09
CA PHE D 153 0.07 -5.26 -24.55
C PHE D 153 0.12 -5.20 -23.05
N SER D 154 0.95 -6.07 -22.49
CA SER D 154 1.15 -6.16 -21.05
C SER D 154 2.63 -6.05 -20.75
N LEU D 155 2.93 -5.44 -19.62
CA LEU D 155 4.30 -5.28 -19.18
C LEU D 155 4.33 -5.81 -17.75
N ASP D 156 5.24 -6.73 -17.49
CA ASP D 156 5.42 -7.32 -16.18
C ASP D 156 6.90 -7.09 -15.90
N PHE D 157 7.20 -6.33 -14.84
CA PHE D 157 8.57 -6.01 -14.49
C PHE D 157 8.71 -6.22 -13.01
N THR D 158 9.80 -6.86 -12.63
CA THR D 158 10.21 -7.14 -11.25
C THR D 158 11.62 -6.56 -11.09
N ILE D 159 11.88 -5.93 -9.94
CA ILE D 159 13.16 -5.33 -9.57
C ILE D 159 13.60 -5.90 -8.26
N ASP D 160 14.86 -5.73 -7.93
CA ASP D 160 15.46 -6.16 -6.68
C ASP D 160 16.68 -5.32 -6.53
N PHE D 161 16.81 -4.69 -5.38
CA PHE D 161 17.95 -3.84 -5.02
C PHE D 161 18.10 -4.16 -3.57
N ASN D 162 19.28 -4.60 -3.15
CA ASN D 162 19.46 -4.87 -1.72
C ASN D 162 19.74 -3.50 -1.07
N HIS D 163 18.69 -2.63 -1.12
CA HIS D 163 18.67 -1.25 -0.64
C HIS D 163 17.49 -0.97 0.33
N PRO D 164 17.77 -0.33 1.51
CA PRO D 164 16.70 -0.04 2.48
C PRO D 164 15.44 0.68 1.99
N ALA D 165 15.62 1.70 1.11
CA ALA D 165 14.54 2.53 0.58
C ALA D 165 13.73 1.89 -0.54
N ILE D 166 14.40 1.40 -1.59
CA ILE D 166 13.75 0.78 -2.75
C ILE D 166 12.99 -0.51 -2.40
N ASP D 167 13.60 -1.41 -1.61
CA ASP D 167 12.96 -2.67 -1.25
C ASP D 167 11.76 -2.55 -0.29
N SER D 168 11.47 -1.33 0.15
CA SER D 168 10.33 -1.04 1.02
C SER D 168 9.05 -0.80 0.20
N SER D 169 9.13 -1.02 -1.12
CA SER D 169 8.02 -0.88 -2.07
C SER D 169 7.62 -2.24 -2.68
N ASN D 170 6.49 -2.26 -3.43
CA ASN D 170 5.96 -3.44 -4.12
C ASN D 170 6.88 -3.65 -5.31
N GLN D 171 7.89 -4.53 -5.11
CA GLN D 171 8.94 -4.88 -6.05
C GLN D 171 8.45 -5.81 -7.13
N ARG D 172 7.40 -5.37 -7.87
CA ARG D 172 6.72 -6.03 -9.01
C ARG D 172 5.52 -5.17 -9.46
N TYR D 173 5.31 -5.07 -10.77
CA TYR D 173 4.21 -4.32 -11.33
C TYR D 173 3.83 -4.92 -12.67
N ALA D 174 2.55 -5.08 -12.90
CA ALA D 174 2.10 -5.67 -14.15
C ALA D 174 0.83 -5.01 -14.60
N MET D 175 0.72 -4.71 -15.88
CA MET D 175 -0.50 -4.08 -16.35
C MET D 175 -0.80 -4.22 -17.81
N ASN D 176 -2.09 -4.15 -18.13
CA ASN D 176 -2.61 -4.20 -19.49
C ASN D 176 -2.56 -2.74 -19.95
N PHE D 177 -1.51 -2.42 -20.70
CA PHE D 177 -1.19 -1.10 -21.22
C PHE D 177 -2.24 -0.53 -22.17
N SER D 178 -2.48 0.79 -22.03
CA SER D 178 -3.39 1.64 -22.78
C SER D 178 -3.08 3.10 -22.40
N ALA D 179 -3.58 4.08 -23.19
CA ALA D 179 -3.39 5.52 -22.96
C ALA D 179 -3.67 6.00 -21.52
N ASP D 180 -4.88 5.74 -20.98
CA ASP D 180 -5.29 6.14 -19.62
C ASP D 180 -4.50 5.39 -18.57
N ALA D 181 -4.30 4.06 -18.80
CA ALA D 181 -3.57 3.14 -17.93
C ALA D 181 -2.15 3.63 -17.73
N PHE D 182 -1.50 4.08 -18.83
CA PHE D 182 -0.13 4.61 -18.79
C PHE D 182 -0.09 5.91 -18.01
N MET D 183 -0.99 6.85 -18.34
CA MET D 183 -1.06 8.17 -17.72
C MET D 183 -1.22 8.12 -16.22
N ARG D 184 -2.29 7.44 -15.77
CA ARG D 184 -2.67 7.30 -14.36
C ARG D 184 -1.62 6.61 -13.48
N GLN D 185 -1.20 5.41 -13.89
CA GLN D 185 -0.26 4.55 -13.19
C GLN D 185 1.25 4.84 -13.39
N ILE D 186 1.71 4.89 -14.67
CA ILE D 186 3.13 5.04 -15.04
C ILE D 186 3.78 6.44 -15.17
N SER D 187 3.25 7.30 -16.11
CA SER D 187 3.78 8.63 -16.47
C SER D 187 4.42 9.48 -15.39
N ARG D 188 3.76 9.68 -14.25
CA ARG D 188 4.32 10.50 -13.15
C ARG D 188 5.47 9.85 -12.37
N ALA D 189 5.95 8.66 -12.78
CA ALA D 189 7.02 7.99 -12.03
C ALA D 189 8.38 8.59 -12.36
N ARG D 190 9.03 9.17 -11.36
CA ARG D 190 10.30 9.84 -11.53
C ARG D 190 11.46 8.91 -11.45
N THR D 191 12.57 9.29 -12.15
CA THR D 191 13.86 8.62 -12.15
C THR D 191 14.41 8.69 -10.77
N PHE D 192 15.46 7.93 -10.50
CA PHE D 192 16.14 7.87 -9.22
C PHE D 192 17.61 7.57 -9.44
N GLY D 193 18.41 8.11 -8.55
CA GLY D 193 19.84 7.94 -8.59
C GLY D 193 20.34 7.73 -7.19
N PHE D 194 21.58 7.27 -7.06
CA PHE D 194 22.21 6.98 -5.79
C PHE D 194 23.25 8.03 -5.48
N MET D 195 23.18 8.60 -4.27
CA MET D 195 24.09 9.65 -3.84
C MET D 195 25.57 9.42 -4.19
N ARG D 196 26.06 8.17 -4.02
CA ARG D 196 27.45 7.79 -4.32
C ARG D 196 27.76 7.81 -5.82
N ASP D 197 26.78 7.37 -6.66
CA ASP D 197 26.90 7.38 -8.11
C ASP D 197 27.02 8.86 -8.55
N ILE D 198 26.07 9.70 -8.09
CA ILE D 198 25.93 11.14 -8.37
C ILE D 198 27.20 11.94 -8.13
N GLU D 199 27.85 11.78 -6.97
CA GLU D 199 29.09 12.49 -6.64
C GLU D 199 30.24 12.12 -7.56
N TYR D 200 30.33 10.83 -7.99
CA TYR D 200 31.40 10.32 -8.86
C TYR D 200 31.29 10.95 -10.26
N LEU D 201 30.07 10.90 -10.84
CA LEU D 201 29.75 11.44 -12.17
C LEU D 201 30.06 12.94 -12.25
N GLN D 202 29.75 13.69 -11.17
CA GLN D 202 29.97 15.12 -11.10
C GLN D 202 31.43 15.52 -11.12
N SER D 203 32.28 14.81 -10.36
CA SER D 203 33.72 15.05 -10.33
C SER D 203 34.37 14.66 -11.68
N ARG D 204 33.56 14.09 -12.59
CA ARG D 204 33.98 13.68 -13.93
C ARG D 204 33.24 14.38 -15.08
N GLY D 205 32.62 15.52 -14.79
CA GLY D 205 31.91 16.34 -15.76
C GLY D 205 30.51 15.91 -16.16
N LEU D 206 29.85 15.02 -15.36
CA LEU D 206 28.49 14.55 -15.63
C LEU D 206 27.49 14.91 -14.53
N CYS D 207 26.18 14.82 -14.83
CA CYS D 207 25.08 15.18 -13.93
C CYS D 207 25.07 16.66 -13.56
N LEU D 208 25.77 17.48 -14.34
CA LEU D 208 25.89 18.91 -14.08
C LEU D 208 24.56 19.68 -14.02
N GLY D 209 23.48 19.07 -14.52
CA GLY D 209 22.16 19.67 -14.52
C GLY D 209 21.18 19.03 -13.57
N GLY D 210 21.69 18.12 -12.75
CA GLY D 210 20.89 17.38 -11.77
C GLY D 210 20.64 18.11 -10.47
N SER D 211 19.39 18.00 -9.96
CA SER D 211 18.89 18.58 -8.71
C SER D 211 17.75 17.69 -8.14
N PHE D 212 17.36 17.91 -6.85
CA PHE D 212 16.26 17.17 -6.22
C PHE D 212 14.92 17.37 -6.94
N ASP D 213 14.90 18.30 -7.91
CA ASP D 213 13.73 18.68 -8.72
C ASP D 213 13.62 17.87 -9.99
N CYS D 214 14.69 17.12 -10.35
CA CYS D 214 14.68 16.30 -11.57
C CYS D 214 14.67 14.78 -11.29
N ALA D 215 15.13 14.38 -10.09
CA ALA D 215 15.23 12.98 -9.70
C ALA D 215 15.07 12.67 -8.21
N ILE D 216 14.68 11.40 -7.90
CA ILE D 216 14.56 10.87 -6.54
C ILE D 216 16.03 10.61 -6.21
N VAL D 217 16.52 11.10 -5.09
CA VAL D 217 17.91 10.86 -4.71
C VAL D 217 17.89 10.06 -3.43
N VAL D 218 18.54 8.91 -3.49
CA VAL D 218 18.62 8.01 -2.35
C VAL D 218 20.05 7.87 -1.91
N ASP D 219 20.29 7.82 -0.61
CA ASP D 219 21.63 7.62 -0.09
C ASP D 219 21.72 6.14 0.32
N ASP D 220 22.67 5.76 1.21
CA ASP D 220 22.79 4.36 1.62
C ASP D 220 21.53 3.85 2.32
N TYR D 221 20.73 4.77 2.90
CA TYR D 221 19.53 4.44 3.68
C TYR D 221 18.11 4.86 3.20
N ARG D 222 17.92 6.10 2.71
CA ARG D 222 16.58 6.59 2.36
C ARG D 222 16.51 7.62 1.21
N VAL D 223 15.26 7.90 0.75
CA VAL D 223 14.91 8.91 -0.26
C VAL D 223 15.24 10.27 0.44
N LEU D 224 16.11 11.12 -0.17
CA LEU D 224 16.57 12.43 0.38
C LEU D 224 15.71 13.66 0.02
N ASN D 225 14.83 13.51 -0.98
CA ASN D 225 13.88 14.55 -1.40
C ASN D 225 12.97 14.81 -0.21
N GLU D 226 12.76 16.10 0.13
CA GLU D 226 11.93 16.51 1.26
C GLU D 226 10.53 15.92 1.22
N ASP D 227 9.90 15.85 0.04
CA ASP D 227 8.54 15.38 -0.20
C ASP D 227 8.29 13.89 -0.39
N GLY D 228 9.34 13.09 -0.32
CA GLY D 228 9.19 11.65 -0.51
C GLY D 228 8.86 11.21 -1.92
N LEU D 229 7.88 10.28 -2.05
CA LEU D 229 7.51 9.68 -3.33
C LEU D 229 6.14 9.96 -3.89
N ARG D 230 6.04 10.08 -5.23
CA ARG D 230 4.77 10.28 -5.95
C ARG D 230 3.87 9.01 -5.91
N PHE D 231 4.47 7.84 -5.67
CA PHE D 231 3.82 6.54 -5.56
C PHE D 231 4.63 5.73 -4.55
N GLU D 232 3.97 4.80 -3.83
CA GLU D 232 4.60 3.92 -2.82
C GLU D 232 5.65 3.04 -3.55
N ASP D 233 5.27 2.60 -4.76
CA ASP D 233 6.00 1.76 -5.70
C ASP D 233 6.43 2.56 -7.02
N GLU D 234 7.00 3.78 -6.84
CA GLU D 234 7.47 4.63 -7.94
C GLU D 234 8.67 4.02 -8.69
N PHE D 235 9.60 3.34 -7.96
CA PHE D 235 10.77 2.68 -8.53
C PHE D 235 10.40 1.64 -9.62
N VAL D 236 9.53 0.68 -9.33
CA VAL D 236 9.08 -0.33 -10.29
C VAL D 236 8.29 0.32 -11.43
N ARG D 237 7.45 1.33 -11.09
CA ARG D 237 6.68 2.10 -12.08
C ARG D 237 7.68 2.86 -13.00
N HIS D 238 8.81 3.35 -12.44
CA HIS D 238 9.79 4.04 -13.25
C HIS D 238 10.54 3.12 -14.18
N LYS D 239 10.98 1.95 -13.66
CA LYS D 239 11.64 0.94 -14.48
C LYS D 239 10.68 0.56 -15.60
N MET D 240 9.37 0.45 -15.30
CA MET D 240 8.35 0.15 -16.32
C MET D 240 8.25 1.29 -17.37
N LEU D 241 8.44 2.55 -16.92
CA LEU D 241 8.44 3.77 -17.75
C LEU D 241 9.64 3.67 -18.69
N ASP D 242 10.82 3.31 -18.12
CA ASP D 242 12.06 3.13 -18.88
C ASP D 242 11.88 2.05 -19.92
N ALA D 243 11.39 0.85 -19.52
CA ALA D 243 11.13 -0.27 -20.42
C ALA D 243 10.12 0.14 -21.50
N ILE D 244 9.06 0.95 -21.15
CA ILE D 244 8.07 1.43 -22.14
C ILE D 244 8.77 2.26 -23.25
N GLY D 245 9.60 3.23 -22.84
CA GLY D 245 10.36 4.11 -23.72
C GLY D 245 11.47 3.42 -24.50
N ASP D 246 12.34 2.64 -23.81
CA ASP D 246 13.44 1.88 -24.42
C ASP D 246 12.92 0.99 -25.54
N LEU D 247 11.75 0.38 -25.34
CA LEU D 247 11.09 -0.48 -26.34
C LEU D 247 10.42 0.36 -27.42
N PHE D 248 10.12 1.66 -27.15
CA PHE D 248 9.52 2.53 -28.17
C PHE D 248 10.54 2.88 -29.28
N MET D 249 11.81 2.50 -29.09
CA MET D 249 12.90 2.71 -30.04
C MET D 249 12.75 2.01 -31.40
N CYS D 250 11.65 1.29 -31.61
CA CYS D 250 11.37 0.64 -32.90
C CYS D 250 10.48 1.60 -33.68
N GLY D 251 9.84 2.54 -32.94
CA GLY D 251 8.94 3.56 -33.47
C GLY D 251 7.48 3.17 -33.56
N HIS D 252 7.12 1.97 -33.08
CA HIS D 252 5.75 1.45 -33.11
C HIS D 252 5.33 0.91 -31.77
N ASN D 253 4.02 0.87 -31.53
CA ASN D 253 3.50 0.28 -30.31
C ASN D 253 3.67 -1.26 -30.49
N ILE D 254 3.88 -2.01 -29.41
CA ILE D 254 4.09 -3.46 -29.52
C ILE D 254 2.86 -4.27 -29.08
N ILE D 255 2.54 -5.35 -29.81
CA ILE D 255 1.46 -6.25 -29.47
C ILE D 255 2.12 -7.55 -29.01
N GLY D 256 2.22 -7.67 -27.69
CA GLY D 256 2.84 -8.79 -26.98
C GLY D 256 2.86 -8.61 -25.47
N ALA D 257 3.63 -9.47 -24.78
CA ALA D 257 3.76 -9.39 -23.32
C ALA D 257 5.23 -9.43 -22.92
N PHE D 258 5.68 -8.37 -22.23
CA PHE D 258 7.07 -8.23 -21.77
C PHE D 258 7.15 -8.53 -20.29
N THR D 259 8.18 -9.30 -19.90
CA THR D 259 8.43 -9.69 -18.51
C THR D 259 9.89 -9.39 -18.24
N ALA D 260 10.21 -8.77 -17.10
CA ALA D 260 11.62 -8.45 -16.82
C ALA D 260 11.99 -8.61 -15.40
N TYR D 261 13.29 -8.75 -15.15
CA TYR D 261 13.87 -8.89 -13.83
C TYR D 261 15.22 -8.22 -13.84
N LYS D 262 15.41 -7.17 -13.02
CA LYS D 262 16.66 -6.41 -12.91
C LYS D 262 17.17 -5.80 -14.25
N SER D 263 16.26 -5.56 -15.19
CA SER D 263 16.59 -4.99 -16.50
C SER D 263 16.87 -3.50 -16.35
N GLY D 264 17.48 -2.94 -17.39
CA GLY D 264 17.86 -1.55 -17.46
C GLY D 264 17.79 -1.14 -18.90
N HIS D 265 18.49 -0.07 -19.29
CA HIS D 265 18.47 0.41 -20.69
C HIS D 265 19.15 -0.56 -21.62
N ALA D 266 20.34 -1.06 -21.23
CA ALA D 266 21.16 -2.04 -21.94
C ALA D 266 20.37 -3.29 -22.31
N LEU D 267 19.78 -3.96 -21.28
CA LEU D 267 19.02 -5.18 -21.40
C LEU D 267 17.72 -4.99 -22.13
N ASN D 268 17.08 -3.82 -21.97
CA ASN D 268 15.82 -3.55 -22.68
C ASN D 268 16.15 -3.46 -24.15
N ASN D 269 17.18 -2.65 -24.50
CA ASN D 269 17.63 -2.52 -25.88
C ASN D 269 18.08 -3.88 -26.42
N LYS D 270 18.84 -4.66 -25.61
CA LYS D 270 19.31 -6.00 -25.99
C LYS D 270 18.13 -6.81 -26.45
N LEU D 271 16.99 -6.72 -25.73
CA LEU D 271 15.76 -7.43 -26.08
C LEU D 271 15.21 -6.94 -27.42
N LEU D 272 14.88 -5.65 -27.53
CA LEU D 272 14.33 -5.06 -28.75
C LEU D 272 15.13 -5.47 -29.97
N GLN D 273 16.46 -5.44 -29.88
CA GLN D 273 17.32 -5.84 -30.98
C GLN D 273 17.20 -7.34 -31.26
N ALA D 274 17.44 -8.22 -30.24
CA ALA D 274 17.30 -9.67 -30.32
C ALA D 274 15.94 -10.13 -30.89
N VAL D 275 14.86 -9.37 -30.63
CA VAL D 275 13.51 -9.65 -31.12
C VAL D 275 13.48 -9.37 -32.63
N LEU D 276 13.84 -8.13 -33.02
CA LEU D 276 13.84 -7.66 -34.40
C LEU D 276 14.88 -8.36 -35.31
N ALA D 277 16.00 -8.82 -34.73
CA ALA D 277 17.08 -9.54 -35.42
C ALA D 277 16.70 -11.02 -35.68
N LYS D 278 15.48 -11.41 -35.22
CA LYS D 278 14.89 -12.74 -35.37
C LYS D 278 13.55 -12.53 -36.12
N GLN D 279 13.64 -12.44 -37.46
CA GLN D 279 12.55 -12.19 -38.44
C GLN D 279 11.26 -12.96 -38.18
N GLU D 280 11.37 -14.22 -37.72
CA GLU D 280 10.22 -15.07 -37.46
C GLU D 280 9.60 -14.91 -36.07
N ALA D 281 10.26 -14.13 -35.20
CA ALA D 281 9.78 -13.86 -33.84
C ALA D 281 8.72 -12.76 -33.79
N TRP D 282 8.56 -12.00 -34.89
CA TRP D 282 7.61 -10.90 -35.00
C TRP D 282 7.07 -10.69 -36.43
N GLU D 283 6.05 -9.81 -36.55
CA GLU D 283 5.38 -9.43 -37.79
C GLU D 283 4.67 -8.07 -37.65
N TYR D 284 4.49 -7.32 -38.77
CA TYR D 284 3.80 -6.03 -38.75
C TYR D 284 2.28 -6.24 -38.85
N VAL D 285 1.48 -5.71 -37.89
CA VAL D 285 0.02 -5.86 -37.90
C VAL D 285 -0.75 -4.54 -37.97
N THR D 286 -1.83 -4.53 -38.75
CA THR D 286 -2.71 -3.37 -38.95
C THR D 286 -4.15 -3.67 -38.53
N PHE D 287 -4.96 -2.61 -38.31
CA PHE D 287 -6.37 -2.77 -37.91
C PHE D 287 -7.35 -1.96 -38.76
N GLN D 288 -7.74 -2.53 -39.92
CA GLN D 288 -8.69 -1.98 -40.88
C GLN D 288 -10.08 -2.01 -40.24
N ASP D 289 -10.36 -3.12 -39.51
CA ASP D 289 -11.59 -3.37 -38.78
C ASP D 289 -11.36 -2.76 -37.38
N ASP D 290 -12.15 -1.74 -37.01
CA ASP D 290 -12.08 -1.01 -35.73
C ASP D 290 -12.31 -1.89 -34.47
N ALA D 291 -12.91 -3.07 -34.65
CA ALA D 291 -13.19 -4.03 -33.57
C ALA D 291 -11.99 -4.93 -33.29
N GLU D 292 -11.28 -5.39 -34.36
CA GLU D 292 -10.11 -6.28 -34.32
C GLU D 292 -8.96 -5.83 -33.40
N LEU D 293 -8.80 -4.50 -33.19
CA LEU D 293 -7.77 -3.92 -32.34
C LEU D 293 -7.99 -4.32 -30.85
N PRO D 294 -6.98 -4.95 -30.18
CA PRO D 294 -7.15 -5.33 -28.77
C PRO D 294 -7.28 -4.14 -27.81
N LEU D 295 -7.62 -4.40 -26.53
CA LEU D 295 -7.80 -3.39 -25.47
C LEU D 295 -6.55 -2.54 -25.15
N ALA D 296 -5.47 -2.71 -25.93
CA ALA D 296 -4.21 -1.98 -25.80
C ALA D 296 -4.11 -0.85 -26.82
#